data_6FW5
#
_entry.id   6FW5
#
_cell.length_a   77.580
_cell.length_b   224.650
_cell.length_c   226.620
_cell.angle_alpha   90.00
_cell.angle_beta   90.00
_cell.angle_gamma   90.00
#
_symmetry.space_group_name_H-M   'F 2 2 2'
#
loop_
_entity.id
_entity.type
_entity.pdbx_description
1 polymer 'Probable thioesterase TesA'
2 non-polymer 'PHOSPHATE ION'
3 water water
#
_entity_poly.entity_id   1
_entity_poly.type   'polypeptide(L)'
_entity_poly.pdbx_seq_one_letter_code
;MLARHGPRYGGSVNGHSDDSSGDAKQAAPTLYIFPHAGGTAKDYVAFSREFSADVKRIAVQYPGQHDRSGLPPLESIPTL
ADEIFAMMKPSARIDDPVAFFGHSMGGMLAFEVALRYQSAGHRVLAFFVSACSAPGHIRYKQLQDLSDREMLDLFTRMTG
MNPDFFTDDEFFVGALPTLRAVRAIAGYSCPPETKLSCPIYAFIGDKDWIATQDDMDPWRDRTTEEFSIRVFPGDHFYLN
DNLPELVSDIEDKTLQWHDRA
;
_entity_poly.pdbx_strand_id   A,B,C,D
#
# COMPACT_ATOMS: atom_id res chain seq x y z
N ALA A 28 11.56 -19.81 20.46
CA ALA A 28 13.00 -19.68 20.27
C ALA A 28 13.46 -20.33 18.95
N PRO A 29 14.38 -19.68 18.19
CA PRO A 29 14.81 -20.26 16.91
C PRO A 29 15.91 -21.30 16.97
N THR A 30 15.75 -22.38 16.17
CA THR A 30 16.75 -23.43 16.04
C THR A 30 17.45 -23.27 14.70
N LEU A 31 18.75 -23.03 14.72
CA LEU A 31 19.56 -22.88 13.50
C LEU A 31 20.35 -24.16 13.26
N TYR A 32 20.15 -24.77 12.10
CA TYR A 32 20.84 -26.00 11.69
C TYR A 32 22.12 -25.63 10.96
N ILE A 33 23.25 -26.20 11.40
CA ILE A 33 24.55 -25.93 10.79
C ILE A 33 24.99 -27.16 10.01
N PHE A 34 25.25 -26.95 8.71
CA PHE A 34 25.69 -27.98 7.77
C PHE A 34 27.17 -27.79 7.42
N PRO A 35 28.05 -28.73 7.81
CA PRO A 35 29.49 -28.58 7.52
C PRO A 35 29.87 -28.69 6.04
N HIS A 36 31.15 -28.45 5.72
CA HIS A 36 31.70 -28.58 4.37
C HIS A 36 31.99 -30.08 4.11
N ALA A 37 32.56 -30.42 2.94
CA ALA A 37 32.79 -31.81 2.53
C ALA A 37 33.44 -32.77 3.62
N GLY A 38 34.68 -32.57 4.07
CA GLY A 38 35.22 -33.46 5.11
C GLY A 38 35.07 -32.92 6.51
N GLY A 39 34.18 -31.95 6.65
CA GLY A 39 33.93 -31.24 7.90
C GLY A 39 33.09 -31.98 8.91
N THR A 40 33.49 -31.89 10.18
CA THR A 40 32.78 -32.50 11.31
C THR A 40 32.03 -31.40 12.08
N ALA A 41 31.13 -31.80 13.00
CA ALA A 41 30.37 -30.88 13.85
C ALA A 41 31.27 -30.27 14.93
N LYS A 42 32.48 -30.83 15.12
CA LYS A 42 33.49 -30.35 16.07
C LYS A 42 34.25 -29.15 15.48
N ASP A 43 34.23 -28.99 14.14
CA ASP A 43 34.85 -27.88 13.42
C ASP A 43 34.07 -26.59 13.67
N TYR A 44 32.74 -26.72 13.85
CA TYR A 44 31.80 -25.62 14.02
C TYR A 44 31.42 -25.36 15.48
N VAL A 45 32.18 -25.93 16.45
CA VAL A 45 31.96 -25.71 17.88
C VAL A 45 32.29 -24.24 18.23
N ALA A 46 33.39 -23.72 17.64
CA ALA A 46 33.85 -22.34 17.81
C ALA A 46 32.93 -21.39 17.07
N PHE A 47 32.36 -21.84 15.94
CA PHE A 47 31.44 -21.07 15.12
C PHE A 47 30.20 -20.89 15.91
N SER A 48 29.68 -21.97 16.45
CA SER A 48 28.49 -21.85 17.37
C SER A 48 28.62 -21.11 18.63
N ARG A 49 29.73 -21.38 19.48
CA ARG A 49 30.16 -20.62 20.67
CA ARG A 49 30.18 -20.66 20.68
C ARG A 49 29.97 -19.33 20.67
N GLU A 50 30.34 -18.55 19.68
CA GLU A 50 30.35 -17.24 19.26
C GLU A 50 28.96 -16.74 19.16
N PHE A 51 28.01 -17.69 18.94
CA PHE A 51 26.60 -17.27 18.85
C PHE A 51 26.17 -16.56 20.08
N SER A 52 26.34 -17.22 21.25
CA SER A 52 26.03 -16.68 22.57
C SER A 52 24.65 -15.95 22.58
N ALA A 53 23.60 -16.60 22.06
CA ALA A 53 22.38 -15.80 22.07
C ALA A 53 21.11 -16.56 22.28
N ASP A 54 19.99 -15.84 22.06
CA ASP A 54 18.63 -16.36 22.13
C ASP A 54 18.35 -17.16 20.86
N VAL A 55 19.29 -18.06 20.51
CA VAL A 55 19.26 -18.91 19.33
C VAL A 55 19.79 -20.28 19.75
N LYS A 56 19.05 -21.33 19.37
CA LYS A 56 19.41 -22.72 19.60
C LYS A 56 20.25 -23.18 18.40
N ARG A 57 21.34 -23.91 18.65
CA ARG A 57 22.24 -24.36 17.59
C ARG A 57 22.37 -25.89 17.55
N ILE A 58 21.99 -26.50 16.41
CA ILE A 58 22.08 -27.94 16.19
C ILE A 58 23.02 -28.21 15.02
N ALA A 59 24.17 -28.84 15.31
CA ALA A 59 25.17 -29.18 14.30
C ALA A 59 24.85 -30.52 13.65
N VAL A 60 24.62 -30.49 12.32
CA VAL A 60 24.28 -31.68 11.55
C VAL A 60 25.54 -32.48 11.21
N GLN A 61 25.51 -33.79 11.51
CA GLN A 61 26.63 -34.68 11.20
C GLN A 61 26.19 -35.60 10.08
N TYR A 62 26.98 -35.66 9.01
CA TYR A 62 26.67 -36.50 7.85
C TYR A 62 27.00 -37.96 8.10
N PRO A 63 26.12 -38.90 7.70
CA PRO A 63 26.43 -40.33 7.90
C PRO A 63 27.65 -40.74 7.07
N GLY A 64 28.81 -40.60 7.70
CA GLY A 64 30.13 -40.93 7.18
C GLY A 64 30.67 -42.00 8.08
N GLN A 65 31.50 -41.60 9.07
CA GLN A 65 32.11 -42.50 10.06
C GLN A 65 32.63 -43.79 9.43
N HIS A 66 33.74 -43.67 8.67
CA HIS A 66 34.43 -44.73 7.92
C HIS A 66 33.67 -45.21 6.67
N ASP A 67 32.55 -44.56 6.29
CA ASP A 67 31.76 -44.96 5.12
C ASP A 67 32.44 -44.65 3.77
N ARG A 68 33.80 -44.48 3.78
CA ARG A 68 34.65 -44.23 2.62
C ARG A 68 34.14 -45.02 1.43
N SER A 69 33.57 -44.31 0.44
CA SER A 69 33.01 -44.96 -0.73
C SER A 69 33.25 -44.20 -2.01
N GLY A 70 33.88 -44.89 -2.95
CA GLY A 70 34.18 -44.40 -4.30
C GLY A 70 33.14 -44.96 -5.25
N LEU A 71 32.93 -44.24 -6.39
CA LEU A 71 31.90 -44.54 -7.41
C LEU A 71 30.60 -44.87 -6.64
N PRO A 72 30.08 -43.97 -5.76
CA PRO A 72 28.94 -44.35 -4.94
C PRO A 72 27.62 -44.35 -5.71
N PRO A 73 27.03 -45.54 -5.96
CA PRO A 73 25.74 -45.58 -6.66
C PRO A 73 24.68 -44.91 -5.78
N LEU A 74 24.72 -45.27 -4.51
CA LEU A 74 23.87 -44.85 -3.40
C LEU A 74 23.98 -43.34 -3.05
N GLU A 75 25.21 -42.79 -2.99
CA GLU A 75 25.43 -41.39 -2.59
C GLU A 75 25.27 -40.37 -3.73
N SER A 76 24.62 -39.23 -3.40
CA SER A 76 24.30 -38.02 -4.20
C SER A 76 23.71 -36.94 -3.24
N ILE A 77 23.58 -35.68 -3.71
CA ILE A 77 23.08 -34.57 -2.88
C ILE A 77 21.60 -34.79 -2.43
N PRO A 78 20.57 -35.01 -3.31
CA PRO A 78 19.20 -35.17 -2.80
C PRO A 78 18.93 -36.43 -1.98
N THR A 79 19.75 -37.48 -2.18
CA THR A 79 19.63 -38.74 -1.46
C THR A 79 20.13 -38.61 -0.03
N LEU A 80 21.27 -37.90 0.16
CA LEU A 80 21.83 -37.62 1.48
C LEU A 80 20.96 -36.59 2.20
N ALA A 81 20.38 -35.62 1.45
CA ALA A 81 19.48 -34.60 1.98
C ALA A 81 18.21 -35.22 2.52
N ASP A 82 17.73 -36.31 1.89
CA ASP A 82 16.56 -37.10 2.29
C ASP A 82 16.82 -37.83 3.60
N GLU A 83 18.06 -38.31 3.78
CA GLU A 83 18.53 -39.01 4.97
C GLU A 83 18.63 -38.03 6.14
N ILE A 84 19.29 -36.86 5.93
CA ILE A 84 19.44 -35.81 6.94
C ILE A 84 18.06 -35.38 7.41
N PHE A 85 17.10 -35.15 6.47
CA PHE A 85 15.73 -34.75 6.78
C PHE A 85 15.01 -35.78 7.67
N ALA A 86 15.17 -37.09 7.38
CA ALA A 86 14.57 -38.18 8.16
C ALA A 86 15.11 -38.20 9.59
N MET A 87 16.39 -37.81 9.76
CA MET A 87 17.13 -37.75 11.03
C MET A 87 16.82 -36.47 11.83
N MET A 88 16.63 -35.34 11.13
CA MET A 88 16.40 -34.01 11.71
C MET A 88 14.93 -33.62 11.88
N LYS A 89 14.00 -34.27 11.19
CA LYS A 89 12.58 -33.96 11.33
C LYS A 89 12.11 -34.02 12.82
N PRO A 90 12.46 -35.08 13.61
CA PRO A 90 12.01 -35.12 15.01
C PRO A 90 12.60 -34.06 15.94
N SER A 91 13.81 -33.49 15.60
CA SER A 91 14.50 -32.49 16.42
C SER A 91 13.71 -31.21 16.67
N ALA A 92 12.84 -30.82 15.73
CA ALA A 92 11.99 -29.64 15.87
C ALA A 92 10.57 -29.95 15.53
N ARG A 93 9.70 -29.49 16.44
CA ARG A 93 8.27 -29.61 16.36
C ARG A 93 7.79 -28.72 15.22
N ILE A 94 6.72 -29.16 14.57
CA ILE A 94 6.10 -28.51 13.42
C ILE A 94 5.30 -27.32 13.90
N ASP A 95 5.97 -26.29 14.36
CA ASP A 95 5.29 -25.11 14.85
C ASP A 95 6.16 -23.92 14.69
N ASP A 96 7.25 -23.91 15.43
CA ASP A 96 8.10 -22.80 15.59
C ASP A 96 9.43 -22.87 14.79
N PRO A 97 10.11 -21.67 14.92
CA PRO A 97 11.35 -21.41 14.19
C PRO A 97 12.33 -22.52 13.82
N VAL A 98 12.94 -22.34 12.63
CA VAL A 98 13.98 -23.16 11.98
C VAL A 98 14.73 -22.31 10.96
N ALA A 99 16.04 -22.16 11.12
CA ALA A 99 16.87 -21.44 10.16
C ALA A 99 17.98 -22.38 9.72
N PHE A 100 18.47 -22.24 8.50
CA PHE A 100 19.48 -23.14 7.96
C PHE A 100 20.75 -22.41 7.54
N PHE A 101 21.90 -22.96 7.93
CA PHE A 101 23.20 -22.45 7.54
C PHE A 101 23.99 -23.61 6.94
N GLY A 102 24.60 -23.36 5.79
CA GLY A 102 25.43 -24.35 5.11
C GLY A 102 26.66 -23.75 4.50
N HIS A 103 27.86 -24.28 4.87
CA HIS A 103 29.14 -23.84 4.32
C HIS A 103 29.63 -24.85 3.30
N SER A 104 29.96 -24.38 2.10
CA SER A 104 30.46 -25.17 0.96
C SER A 104 29.43 -26.25 0.54
N MET A 105 29.78 -27.55 0.57
CA MET A 105 28.86 -28.63 0.21
C MET A 105 27.59 -28.60 1.07
N GLY A 106 27.76 -28.19 2.33
CA GLY A 106 26.69 -28.02 3.30
C GLY A 106 25.63 -27.01 2.89
N GLY A 107 26.02 -26.09 1.99
CA GLY A 107 25.15 -25.07 1.42
C GLY A 107 24.08 -25.68 0.54
N MET A 108 24.45 -26.68 -0.28
CA MET A 108 23.51 -27.40 -1.14
C MET A 108 22.68 -28.36 -0.31
N LEU A 109 23.28 -28.96 0.72
CA LEU A 109 22.60 -29.89 1.62
C LEU A 109 21.57 -29.16 2.47
N ALA A 110 21.91 -27.96 2.99
CA ALA A 110 21.02 -27.11 3.81
C ALA A 110 19.86 -26.60 2.97
N PHE A 111 20.10 -26.29 1.67
CA PHE A 111 19.08 -25.81 0.75
C PHE A 111 18.06 -26.91 0.48
N GLU A 112 18.54 -28.12 0.16
CA GLU A 112 17.74 -29.30 -0.15
C GLU A 112 16.90 -29.77 1.05
N VAL A 113 17.49 -29.77 2.28
CA VAL A 113 16.77 -30.15 3.51
C VAL A 113 15.74 -29.06 3.88
N ALA A 114 16.10 -27.76 3.64
CA ALA A 114 15.23 -26.59 3.87
C ALA A 114 14.00 -26.67 2.96
N LEU A 115 14.14 -27.26 1.76
CA LEU A 115 13.05 -27.47 0.81
C LEU A 115 12.08 -28.52 1.35
N ARG A 116 12.62 -29.61 1.93
CA ARG A 116 11.86 -30.70 2.54
C ARG A 116 11.10 -30.23 3.80
N TYR A 117 11.70 -29.29 4.57
CA TYR A 117 11.12 -28.66 5.76
C TYR A 117 9.94 -27.78 5.34
N GLN A 118 10.11 -27.01 4.23
CA GLN A 118 9.09 -26.13 3.66
C GLN A 118 7.94 -26.94 3.02
N SER A 119 8.25 -28.12 2.45
CA SER A 119 7.27 -29.04 1.84
C SER A 119 6.49 -29.84 2.92
N ALA A 120 6.63 -29.42 4.19
CA ALA A 120 6.02 -30.00 5.39
C ALA A 120 5.42 -28.91 6.34
N GLY A 121 5.53 -27.65 5.91
CA GLY A 121 5.05 -26.46 6.60
C GLY A 121 5.70 -26.21 7.94
N HIS A 122 7.05 -26.24 7.98
CA HIS A 122 7.82 -26.07 9.20
C HIS A 122 8.14 -24.62 9.58
N ARG A 123 7.84 -23.66 8.67
CA ARG A 123 8.10 -22.24 8.82
C ARG A 123 9.60 -21.97 8.97
N VAL A 124 10.30 -22.12 7.84
CA VAL A 124 11.74 -21.88 7.76
C VAL A 124 11.92 -20.37 7.81
N LEU A 125 12.83 -19.90 8.65
CA LEU A 125 13.04 -18.47 8.80
C LEU A 125 13.84 -17.94 7.63
N ALA A 126 15.05 -18.47 7.45
CA ALA A 126 15.92 -18.05 6.36
C ALA A 126 16.91 -19.12 6.00
N PHE A 127 17.64 -18.87 4.92
CA PHE A 127 18.68 -19.76 4.45
C PHE A 127 19.98 -18.99 4.27
N PHE A 128 21.00 -19.35 5.06
CA PHE A 128 22.31 -18.72 5.03
C PHE A 128 23.31 -19.62 4.31
N VAL A 129 23.75 -19.22 3.11
CA VAL A 129 24.71 -20.00 2.32
C VAL A 129 26.10 -19.35 2.38
N SER A 130 27.14 -20.16 2.60
CA SER A 130 28.50 -19.68 2.71
C SER A 130 29.41 -20.47 1.77
N ALA A 131 30.25 -19.77 0.97
CA ALA A 131 31.20 -20.33 0.00
C ALA A 131 30.64 -21.56 -0.76
N CYS A 132 29.42 -21.41 -1.30
CA CYS A 132 28.72 -22.44 -2.07
C CYS A 132 28.02 -21.83 -3.26
N SER A 133 28.43 -22.23 -4.48
CA SER A 133 27.85 -21.78 -5.75
C SER A 133 26.38 -22.14 -5.83
N ALA A 134 25.61 -21.33 -6.58
CA ALA A 134 24.18 -21.53 -6.83
C ALA A 134 23.97 -22.84 -7.62
N PRO A 135 22.87 -23.59 -7.41
CA PRO A 135 22.69 -24.85 -8.16
C PRO A 135 22.74 -24.64 -9.67
N GLY A 136 23.55 -25.45 -10.36
CA GLY A 136 23.72 -25.32 -11.80
C GLY A 136 24.73 -24.25 -12.19
N HIS A 137 25.49 -23.74 -11.20
CA HIS A 137 26.51 -22.72 -11.43
C HIS A 137 27.87 -23.21 -10.95
N ILE A 138 28.01 -24.56 -10.97
CA ILE A 138 29.23 -25.33 -10.74
C ILE A 138 29.79 -25.53 -12.16
N ARG A 139 31.11 -25.41 -12.35
CA ARG A 139 31.67 -25.51 -13.71
C ARG A 139 32.12 -26.92 -14.08
N TYR A 140 32.60 -27.66 -13.08
CA TYR A 140 33.12 -29.02 -13.22
C TYR A 140 32.04 -30.09 -13.30
N LYS A 141 31.20 -30.05 -14.34
CA LYS A 141 30.17 -31.07 -14.54
C LYS A 141 30.87 -32.35 -15.04
N GLN A 142 31.41 -33.14 -14.09
CA GLN A 142 32.10 -34.41 -14.33
C GLN A 142 31.28 -35.51 -13.65
N LEU A 143 29.95 -35.41 -13.76
CA LEU A 143 28.97 -36.34 -13.21
C LEU A 143 29.10 -37.70 -13.88
N GLN A 144 29.21 -37.72 -15.23
CA GLN A 144 29.37 -38.89 -16.07
C GLN A 144 30.67 -39.62 -15.75
N ASP A 145 31.74 -38.84 -15.47
CA ASP A 145 33.05 -39.34 -15.10
C ASP A 145 32.98 -40.29 -13.93
N LEU A 146 33.46 -41.52 -14.15
CA LEU A 146 33.50 -42.54 -13.11
C LEU A 146 34.56 -42.13 -12.09
N SER A 147 34.46 -42.58 -10.83
CA SER A 147 35.50 -42.24 -9.82
C SER A 147 36.79 -42.71 -10.18
N ASP A 148 36.85 -43.95 -10.70
CA ASP A 148 38.11 -44.51 -11.11
C ASP A 148 38.63 -43.67 -12.28
N ARG A 149 37.73 -43.33 -13.23
CA ARG A 149 38.00 -42.54 -14.43
C ARG A 149 38.52 -41.14 -14.15
N GLU A 150 37.97 -40.47 -13.11
CA GLU A 150 38.27 -39.10 -12.74
C GLU A 150 39.72 -38.88 -12.37
N MET A 151 40.33 -39.78 -11.57
CA MET A 151 41.73 -39.66 -11.14
C MET A 151 42.70 -39.57 -12.31
N LEU A 152 42.43 -40.35 -13.39
CA LEU A 152 43.25 -40.37 -14.61
C LEU A 152 43.13 -39.05 -15.28
N ASP A 153 41.92 -38.48 -15.29
CA ASP A 153 41.67 -37.16 -15.84
C ASP A 153 42.47 -36.11 -15.06
N LEU A 154 42.53 -36.24 -13.73
CA LEU A 154 43.32 -35.32 -12.90
C LEU A 154 44.79 -35.51 -13.27
N PHE A 155 45.22 -36.79 -13.44
CA PHE A 155 46.57 -37.17 -13.82
C PHE A 155 46.97 -36.65 -15.21
N THR A 156 46.04 -36.62 -16.18
CA THR A 156 46.37 -36.26 -17.55
C THR A 156 46.64 -34.75 -17.69
N ARG A 157 45.91 -33.88 -16.98
CA ARG A 157 46.11 -32.41 -17.12
C ARG A 157 47.52 -31.96 -16.86
N MET A 158 48.05 -32.38 -15.73
CA MET A 158 49.37 -31.98 -15.28
C MET A 158 50.44 -32.99 -15.61
N THR A 159 51.71 -32.51 -15.56
CA THR A 159 52.88 -33.35 -15.74
C THR A 159 52.92 -34.25 -14.49
N GLY A 160 52.47 -35.46 -14.65
CA GLY A 160 52.43 -36.34 -13.50
C GLY A 160 52.80 -37.74 -13.89
N MET A 161 53.55 -38.41 -13.02
CA MET A 161 53.87 -39.82 -13.21
C MET A 161 52.55 -40.51 -13.07
N ASN A 162 52.16 -41.32 -14.07
CA ASN A 162 50.92 -42.09 -13.98
C ASN A 162 50.92 -42.85 -12.63
N PRO A 163 52.01 -43.61 -12.32
CA PRO A 163 52.07 -44.32 -11.02
C PRO A 163 51.83 -43.46 -9.79
N ASP A 164 52.36 -42.24 -9.75
CA ASP A 164 52.25 -41.40 -8.55
C ASP A 164 50.86 -41.26 -7.92
N PHE A 165 49.82 -41.02 -8.73
CA PHE A 165 48.48 -40.88 -8.17
C PHE A 165 47.66 -42.14 -8.36
N PHE A 166 47.79 -42.79 -9.54
CA PHE A 166 47.04 -43.99 -9.89
C PHE A 166 47.35 -45.19 -9.03
N THR A 167 48.61 -45.35 -8.54
CA THR A 167 48.97 -46.50 -7.69
C THR A 167 48.11 -46.64 -6.47
N ASP A 168 47.97 -47.88 -6.04
CA ASP A 168 47.15 -48.36 -4.97
C ASP A 168 47.60 -47.90 -3.61
N ASP A 169 48.85 -47.42 -3.48
CA ASP A 169 49.28 -46.90 -2.19
C ASP A 169 48.40 -45.74 -1.91
N GLU A 170 47.73 -45.80 -0.76
CA GLU A 170 46.76 -44.91 -0.19
C GLU A 170 46.38 -43.75 -1.05
N PHE A 171 47.27 -42.87 -1.62
CA PHE A 171 46.79 -41.80 -2.48
C PHE A 171 45.36 -42.06 -2.93
N PHE A 172 45.10 -43.26 -3.54
CA PHE A 172 43.75 -43.74 -3.84
C PHE A 172 42.71 -43.74 -2.63
N VAL A 173 42.99 -44.38 -1.47
CA VAL A 173 42.13 -44.41 -0.27
C VAL A 173 41.90 -43.01 0.35
N GLY A 174 42.93 -42.16 0.43
CA GLY A 174 42.79 -40.81 0.99
C GLY A 174 41.95 -39.90 0.11
N ALA A 175 42.02 -40.10 -1.22
CA ALA A 175 41.34 -39.32 -2.24
C ALA A 175 39.82 -39.48 -2.30
N LEU A 176 39.26 -40.71 -2.16
CA LEU A 176 37.82 -41.03 -2.27
C LEU A 176 36.88 -40.13 -1.41
N PRO A 177 37.12 -39.89 -0.09
CA PRO A 177 36.25 -38.94 0.66
C PRO A 177 36.04 -37.58 -0.03
N THR A 178 37.08 -37.07 -0.72
CA THR A 178 37.00 -35.82 -1.48
C THR A 178 36.49 -36.07 -2.87
N LEU A 179 36.95 -37.16 -3.51
CA LEU A 179 36.55 -37.53 -4.88
C LEU A 179 35.06 -37.72 -5.00
N ARG A 180 34.45 -38.43 -4.04
CA ARG A 180 33.02 -38.71 -3.98
C ARG A 180 32.23 -37.42 -3.90
N ALA A 181 32.72 -36.45 -3.06
CA ALA A 181 32.07 -35.15 -2.86
C ALA A 181 32.04 -34.37 -4.17
N VAL A 182 33.14 -34.40 -4.93
CA VAL A 182 33.26 -33.73 -6.24
C VAL A 182 32.17 -34.21 -7.18
N ARG A 183 32.00 -35.54 -7.30
CA ARG A 183 30.99 -36.13 -8.16
C ARG A 183 29.56 -35.75 -7.79
N ALA A 184 29.23 -35.67 -6.47
CA ALA A 184 27.91 -35.31 -5.91
C ALA A 184 27.53 -33.86 -6.27
N ILE A 185 28.49 -32.93 -6.06
CA ILE A 185 28.38 -31.50 -6.35
C ILE A 185 28.23 -31.27 -7.86
N ALA A 186 29.06 -31.97 -8.68
CA ALA A 186 29.08 -31.90 -10.14
C ALA A 186 27.77 -32.41 -10.72
N GLY A 187 27.24 -33.49 -10.13
CA GLY A 187 26.00 -34.11 -10.55
C GLY A 187 24.74 -33.44 -10.04
N TYR A 188 24.87 -32.51 -9.07
CA TYR A 188 23.73 -31.80 -8.49
C TYR A 188 23.17 -30.72 -9.41
N SER A 189 21.85 -30.76 -9.61
CA SER A 189 21.10 -29.82 -10.43
C SER A 189 19.74 -29.60 -9.77
N CYS A 190 19.31 -28.34 -9.66
CA CYS A 190 18.02 -28.01 -9.09
C CYS A 190 17.13 -27.32 -10.13
N PRO A 191 15.91 -27.82 -10.40
CA PRO A 191 15.03 -27.17 -11.41
C PRO A 191 14.76 -25.69 -11.09
N PRO A 192 14.63 -24.80 -12.12
CA PRO A 192 14.45 -23.36 -11.85
C PRO A 192 13.26 -22.96 -10.97
N GLU A 193 12.15 -23.69 -11.03
CA GLU A 193 10.96 -23.34 -10.27
C GLU A 193 10.97 -23.83 -8.82
N THR A 194 11.83 -24.80 -8.48
CA THR A 194 11.97 -25.28 -7.11
C THR A 194 12.73 -24.17 -6.35
N LYS A 195 11.96 -23.36 -5.61
CA LYS A 195 12.48 -22.21 -4.88
C LYS A 195 12.02 -22.25 -3.40
N LEU A 196 12.72 -21.47 -2.55
CA LEU A 196 12.37 -21.33 -1.14
C LEU A 196 11.46 -20.11 -0.96
N SER A 197 10.62 -20.12 0.08
CA SER A 197 9.68 -19.05 0.38
C SER A 197 10.21 -18.16 1.51
N CYS A 198 11.54 -18.19 1.73
CA CYS A 198 12.24 -17.44 2.76
C CYS A 198 13.42 -16.65 2.19
N PRO A 199 13.87 -15.55 2.84
CA PRO A 199 15.04 -14.82 2.33
C PRO A 199 16.35 -15.62 2.40
N ILE A 200 17.18 -15.55 1.35
CA ILE A 200 18.48 -16.24 1.29
C ILE A 200 19.61 -15.22 1.56
N TYR A 201 20.57 -15.57 2.43
CA TYR A 201 21.70 -14.70 2.75
C TYR A 201 22.99 -15.40 2.41
N ALA A 202 23.70 -14.91 1.39
CA ALA A 202 24.95 -15.48 0.92
C ALA A 202 26.16 -14.78 1.51
N PHE A 203 27.21 -15.56 1.82
CA PHE A 203 28.46 -15.06 2.38
C PHE A 203 29.62 -15.65 1.61
N ILE A 204 30.50 -14.78 1.11
CA ILE A 204 31.63 -15.19 0.30
C ILE A 204 32.94 -14.57 0.81
N GLY A 205 34.03 -15.29 0.58
CA GLY A 205 35.39 -14.84 0.85
C GLY A 205 35.91 -14.36 -0.48
N ASP A 206 36.33 -13.07 -0.57
CA ASP A 206 36.77 -12.42 -1.82
C ASP A 206 37.95 -13.13 -2.55
N LYS A 207 38.76 -13.89 -1.81
CA LYS A 207 39.90 -14.63 -2.35
C LYS A 207 39.63 -16.14 -2.46
N ASP A 208 38.36 -16.51 -2.69
CA ASP A 208 37.95 -17.90 -2.86
C ASP A 208 37.69 -18.17 -4.33
N TRP A 209 38.09 -19.35 -4.78
CA TRP A 209 37.95 -19.79 -6.16
C TRP A 209 37.20 -21.13 -6.34
N ILE A 210 36.80 -21.75 -5.23
CA ILE A 210 36.00 -22.98 -5.23
C ILE A 210 34.54 -22.50 -5.41
N ALA A 211 34.30 -21.27 -4.95
CA ALA A 211 33.07 -20.50 -5.06
C ALA A 211 33.45 -19.04 -5.11
N THR A 212 32.84 -18.24 -5.99
CA THR A 212 33.14 -16.83 -6.14
C THR A 212 31.85 -16.02 -5.94
N GLN A 213 31.94 -14.67 -5.86
CA GLN A 213 30.77 -13.81 -5.71
C GLN A 213 29.85 -13.99 -6.92
N ASP A 214 30.44 -14.18 -8.12
CA ASP A 214 29.73 -14.38 -9.37
C ASP A 214 28.87 -15.62 -9.41
N ASP A 215 29.41 -16.81 -9.03
CA ASP A 215 28.64 -18.07 -9.03
C ASP A 215 27.75 -18.26 -7.79
N MET A 216 28.03 -17.51 -6.71
CA MET A 216 27.22 -17.53 -5.49
C MET A 216 26.00 -16.62 -5.66
N ASP A 217 26.12 -15.58 -6.52
CA ASP A 217 25.08 -14.59 -6.83
C ASP A 217 23.77 -15.17 -7.37
N PRO A 218 23.73 -16.16 -8.32
CA PRO A 218 22.44 -16.66 -8.80
C PRO A 218 21.56 -17.40 -7.78
N TRP A 219 21.91 -17.38 -6.47
CA TRP A 219 21.10 -17.99 -5.39
C TRP A 219 19.80 -17.21 -5.22
N ARG A 220 19.77 -15.97 -5.75
CA ARG A 220 18.63 -15.06 -5.75
C ARG A 220 17.46 -15.64 -6.57
N ASP A 221 17.74 -16.61 -7.48
CA ASP A 221 16.79 -17.32 -8.33
C ASP A 221 16.28 -18.61 -7.64
N ARG A 222 16.63 -18.77 -6.33
CA ARG A 222 16.30 -19.90 -5.45
C ARG A 222 15.38 -19.53 -4.33
N THR A 223 14.82 -18.34 -4.42
CA THR A 223 13.91 -17.79 -3.44
C THR A 223 12.88 -16.95 -4.09
N THR A 224 11.79 -16.72 -3.37
CA THR A 224 10.72 -15.85 -3.83
C THR A 224 10.78 -14.55 -3.04
N GLU A 225 11.62 -14.50 -2.00
CA GLU A 225 11.75 -13.33 -1.14
C GLU A 225 13.00 -12.56 -1.41
N GLU A 226 13.60 -12.03 -0.35
CA GLU A 226 14.80 -11.23 -0.36
C GLU A 226 16.01 -12.07 -0.58
N PHE A 227 17.10 -11.37 -0.82
CA PHE A 227 18.41 -11.94 -1.01
C PHE A 227 19.47 -10.90 -0.76
N SER A 228 20.54 -11.28 -0.06
CA SER A 228 21.66 -10.41 0.23
C SER A 228 22.96 -11.18 0.16
N ILE A 229 23.96 -10.64 -0.56
CA ILE A 229 25.29 -11.24 -0.61
C ILE A 229 26.29 -10.31 0.10
N ARG A 230 27.06 -10.87 1.06
CA ARG A 230 28.09 -10.14 1.78
C ARG A 230 29.44 -10.74 1.43
N VAL A 231 30.38 -9.85 1.08
CA VAL A 231 31.74 -10.24 0.72
C VAL A 231 32.61 -9.98 1.91
N PHE A 232 33.39 -11.01 2.28
CA PHE A 232 34.32 -10.99 3.38
C PHE A 232 35.72 -11.17 2.88
N PRO A 233 36.70 -10.48 3.50
CA PRO A 233 38.09 -10.70 3.11
C PRO A 233 38.56 -12.08 3.61
N GLY A 234 39.02 -12.89 2.70
CA GLY A 234 39.50 -14.23 3.00
C GLY A 234 39.27 -15.14 1.84
N ASP A 235 39.62 -16.37 2.00
CA ASP A 235 39.52 -17.39 0.99
C ASP A 235 38.33 -18.28 1.31
N HIS A 236 38.48 -19.59 1.07
CA HIS A 236 37.47 -20.60 1.32
C HIS A 236 37.22 -20.77 2.81
N PHE A 237 38.25 -20.52 3.64
CA PHE A 237 38.19 -20.69 5.08
C PHE A 237 38.26 -19.39 5.83
N TYR A 238 37.71 -18.33 5.25
CA TYR A 238 37.63 -17.03 5.86
C TYR A 238 36.80 -17.12 7.13
N LEU A 239 35.75 -18.00 7.20
CA LEU A 239 34.83 -18.23 8.31
C LEU A 239 35.55 -17.98 9.65
N ASN A 240 36.74 -18.58 9.82
CA ASN A 240 37.62 -18.46 10.99
C ASN A 240 38.18 -17.03 11.25
N ASP A 241 38.59 -16.31 10.19
CA ASP A 241 39.12 -14.93 10.18
C ASP A 241 38.02 -13.87 10.39
N ASN A 242 36.76 -14.19 10.08
CA ASN A 242 35.62 -13.25 10.20
C ASN A 242 34.47 -13.86 11.02
N LEU A 243 34.81 -14.57 12.11
CA LEU A 243 33.84 -15.26 12.95
C LEU A 243 32.84 -14.33 13.68
N PRO A 244 33.21 -13.30 14.48
CA PRO A 244 32.16 -12.49 15.15
C PRO A 244 31.28 -11.65 14.21
N GLU A 245 31.79 -11.21 13.05
CA GLU A 245 31.01 -10.41 12.07
C GLU A 245 29.94 -11.26 11.37
N LEU A 246 30.31 -12.48 10.94
CA LEU A 246 29.44 -13.43 10.24
C LEU A 246 28.30 -13.92 11.10
N VAL A 247 28.61 -14.38 12.33
CA VAL A 247 27.63 -14.90 13.30
C VAL A 247 26.66 -13.80 13.71
N SER A 248 27.13 -12.53 13.79
CA SER A 248 26.29 -11.36 14.13
C SER A 248 25.23 -11.14 13.08
N ASP A 249 25.60 -11.22 11.77
CA ASP A 249 24.68 -11.06 10.64
C ASP A 249 23.64 -12.16 10.66
N ILE A 250 24.09 -13.43 10.77
CA ILE A 250 23.23 -14.62 10.84
C ILE A 250 22.26 -14.45 12.00
N GLU A 251 22.77 -14.14 13.21
CA GLU A 251 22.00 -13.90 14.44
C GLU A 251 20.95 -12.81 14.27
N ASP A 252 21.35 -11.63 13.73
CA ASP A 252 20.49 -10.48 13.49
C ASP A 252 19.34 -10.81 12.58
N LYS A 253 19.65 -11.41 11.42
CA LYS A 253 18.68 -11.78 10.41
C LYS A 253 17.73 -12.83 10.88
N THR A 254 18.24 -13.81 11.67
CA THR A 254 17.40 -14.87 12.21
C THR A 254 16.35 -14.29 13.11
N LEU A 255 16.77 -13.44 14.05
CA LEU A 255 15.89 -12.85 15.04
C LEU A 255 14.89 -11.94 14.45
N GLN A 256 15.28 -11.07 13.53
CA GLN A 256 14.40 -10.10 12.90
C GLN A 256 13.21 -10.74 12.16
N TRP A 257 13.46 -11.78 11.35
CA TRP A 257 12.34 -12.44 10.65
C TRP A 257 11.46 -13.11 11.61
N HIS A 258 12.05 -13.86 12.54
CA HIS A 258 11.32 -14.58 13.57
C HIS A 258 10.69 -13.67 14.63
N ASP A 259 11.16 -12.46 14.83
CA ASP A 259 10.66 -11.66 15.95
C ASP A 259 9.15 -11.50 16.03
N ARG A 260 8.62 -11.90 17.20
CA ARG A 260 7.19 -11.85 17.61
C ARG A 260 7.00 -12.18 19.07
N ALA B 27 6.67 3.09 17.34
CA ALA B 27 5.25 3.43 17.37
C ALA B 27 4.51 2.80 16.18
N ALA B 28 3.85 3.61 15.32
CA ALA B 28 3.15 3.14 14.12
C ALA B 28 3.99 3.55 12.89
N PRO B 29 4.18 2.65 11.89
CA PRO B 29 5.08 2.98 10.77
C PRO B 29 4.45 3.78 9.62
N THR B 30 4.63 5.11 9.59
CA THR B 30 4.08 5.97 8.53
C THR B 30 4.75 5.73 7.15
N LEU B 31 3.96 5.36 6.12
CA LEU B 31 4.41 5.12 4.75
C LEU B 31 4.13 6.33 3.87
N TYR B 32 5.18 6.88 3.25
CA TYR B 32 5.07 8.04 2.37
C TYR B 32 4.86 7.58 0.94
N ILE B 33 3.83 8.14 0.27
CA ILE B 33 3.52 7.78 -1.10
C ILE B 33 3.89 8.93 -2.03
N PHE B 34 4.77 8.64 -3.01
CA PHE B 34 5.26 9.61 -3.98
C PHE B 34 4.64 9.31 -5.36
N PRO B 35 3.82 10.25 -5.91
CA PRO B 35 3.18 10.01 -7.22
C PRO B 35 4.14 10.02 -8.42
N HIS B 36 3.61 9.71 -9.61
CA HIS B 36 4.36 9.74 -10.85
C HIS B 36 4.41 11.20 -11.36
N ALA B 37 5.01 11.44 -12.55
CA ALA B 37 5.06 12.76 -13.19
C ALA B 37 3.66 13.13 -13.63
N GLY B 38 3.14 14.21 -13.10
CA GLY B 38 1.79 14.68 -13.40
C GLY B 38 0.72 14.10 -12.49
N GLY B 39 1.12 13.16 -11.64
CA GLY B 39 0.24 12.51 -10.68
C GLY B 39 -0.05 13.33 -9.44
N THR B 40 -1.32 13.31 -9.01
CA THR B 40 -1.80 14.00 -7.82
C THR B 40 -1.95 12.99 -6.66
N ALA B 41 -2.15 13.49 -5.44
CA ALA B 41 -2.37 12.66 -4.25
C ALA B 41 -3.77 12.06 -4.27
N LYS B 42 -4.65 12.57 -5.16
CA LYS B 42 -6.02 12.10 -5.36
C LYS B 42 -6.04 10.82 -6.20
N ASP B 43 -4.96 10.59 -6.99
CA ASP B 43 -4.80 9.40 -7.83
C ASP B 43 -4.54 8.18 -6.96
N TYR B 44 -3.86 8.38 -5.81
CA TYR B 44 -3.45 7.35 -4.88
C TYR B 44 -4.35 7.22 -3.65
N VAL B 45 -5.58 7.81 -3.71
CA VAL B 45 -6.56 7.70 -2.62
C VAL B 45 -7.06 6.25 -2.53
N ALA B 46 -7.29 5.60 -3.70
CA ALA B 46 -7.71 4.21 -3.83
C ALA B 46 -6.56 3.27 -3.46
N PHE B 47 -5.30 3.71 -3.68
CA PHE B 47 -4.10 2.95 -3.34
C PHE B 47 -3.91 2.96 -1.82
N SER B 48 -3.86 4.18 -1.22
CA SER B 48 -3.67 4.39 0.19
C SER B 48 -4.86 3.92 0.99
N ARG B 49 -6.02 3.58 0.41
CA ARG B 49 -7.16 3.12 1.20
C ARG B 49 -7.13 1.59 1.47
N GLU B 50 -6.18 0.88 0.86
CA GLU B 50 -6.07 -0.57 1.01
C GLU B 50 -5.32 -1.01 2.26
N PHE B 51 -4.83 -0.08 3.06
CA PHE B 51 -4.08 -0.44 4.24
C PHE B 51 -4.91 -0.64 5.46
N SER B 52 -5.62 -1.78 5.49
CA SER B 52 -6.43 -2.18 6.64
C SER B 52 -5.51 -2.26 7.86
N ALA B 53 -4.35 -2.99 7.72
CA ALA B 53 -3.36 -3.10 8.80
C ALA B 53 -2.77 -1.72 9.02
N ASP B 54 -2.53 -1.39 10.28
CA ASP B 54 -2.19 -0.03 10.57
C ASP B 54 -0.73 0.33 10.47
N VAL B 55 -0.58 1.27 9.53
CA VAL B 55 0.60 2.01 9.10
C VAL B 55 -0.04 3.31 8.68
N LYS B 56 0.39 4.42 9.28
CA LYS B 56 -0.17 5.72 8.88
C LYS B 56 0.29 6.03 7.45
N ARG B 57 -0.66 6.43 6.59
CA ARG B 57 -0.36 6.72 5.18
C ARG B 57 -0.38 8.18 4.87
N ILE B 58 0.70 8.66 4.26
CA ILE B 58 0.81 10.05 3.86
C ILE B 58 1.04 10.15 2.37
N ALA B 59 0.25 10.99 1.70
CA ALA B 59 0.39 11.24 0.27
C ALA B 59 1.15 12.54 0.03
N VAL B 60 2.33 12.44 -0.59
CA VAL B 60 3.18 13.60 -0.89
C VAL B 60 2.68 14.30 -2.15
N GLN B 61 2.48 15.62 -2.07
CA GLN B 61 2.06 16.43 -3.21
C GLN B 61 3.24 17.31 -3.59
N TYR B 62 3.64 17.27 -4.87
CA TYR B 62 4.77 18.04 -5.36
C TYR B 62 4.45 19.51 -5.51
N PRO B 63 5.38 20.41 -5.08
CA PRO B 63 5.13 21.85 -5.24
C PRO B 63 5.09 22.33 -6.69
N GLY B 64 5.69 21.52 -7.59
CA GLY B 64 5.77 21.79 -9.02
C GLY B 64 4.42 21.93 -9.72
N GLU B 75 13.43 22.26 -13.11
CA GLU B 75 14.03 21.91 -11.82
C GLU B 75 14.85 20.62 -11.90
N SER B 76 15.43 20.19 -10.77
CA SER B 76 16.19 18.94 -10.73
C SER B 76 15.67 18.01 -9.62
N ILE B 77 16.03 16.70 -9.69
CA ILE B 77 15.61 15.69 -8.73
C ILE B 77 16.12 15.99 -7.29
N PRO B 78 17.46 16.18 -7.01
CA PRO B 78 17.87 16.45 -5.62
C PRO B 78 17.39 17.77 -5.01
N THR B 79 17.11 18.78 -5.87
CA THR B 79 16.62 20.08 -5.42
C THR B 79 15.17 20.01 -4.97
N LEU B 80 14.33 19.28 -5.74
CA LEU B 80 12.92 19.07 -5.40
C LEU B 80 12.81 18.11 -4.20
N ALA B 81 13.74 17.13 -4.09
CA ALA B 81 13.81 16.17 -2.99
C ALA B 81 14.16 16.88 -1.69
N ASP B 82 14.99 17.94 -1.77
CA ASP B 82 15.38 18.78 -0.64
C ASP B 82 14.20 19.59 -0.11
N GLU B 83 13.32 20.03 -1.02
CA GLU B 83 12.08 20.78 -0.75
C GLU B 83 11.07 19.88 -0.05
N ILE B 84 10.81 18.68 -0.63
CA ILE B 84 9.90 17.66 -0.07
C ILE B 84 10.35 17.32 1.36
N PHE B 85 11.67 17.09 1.57
CA PHE B 85 12.25 16.78 2.87
C PHE B 85 11.99 17.86 3.92
N ALA B 86 12.14 19.14 3.54
CA ALA B 86 11.90 20.31 4.40
C ALA B 86 10.43 20.37 4.84
N MET B 87 9.52 19.94 3.95
CA MET B 87 8.07 19.92 4.12
C MET B 87 7.59 18.71 4.94
N MET B 88 8.24 17.55 4.74
CA MET B 88 7.86 16.28 5.35
C MET B 88 8.57 15.95 6.66
N LYS B 89 9.74 16.57 6.92
CA LYS B 89 10.50 16.34 8.16
C LYS B 89 9.62 16.48 9.41
N PRO B 90 8.80 17.56 9.58
CA PRO B 90 7.96 17.67 10.79
C PRO B 90 6.87 16.61 10.95
N SER B 91 6.43 15.97 9.84
CA SER B 91 5.36 14.96 9.85
C SER B 91 5.65 13.73 10.73
N ALA B 92 6.94 13.38 10.88
CA ALA B 92 7.36 12.24 11.70
C ALA B 92 8.58 12.61 12.56
N ARG B 93 8.61 12.12 13.82
CA ARG B 93 9.74 12.32 14.75
C ARG B 93 10.83 11.27 14.43
N ILE B 94 12.06 11.48 14.95
CA ILE B 94 13.26 10.66 14.72
C ILE B 94 13.10 9.20 15.21
N ASP B 95 12.39 8.99 16.33
CA ASP B 95 12.13 7.65 16.91
C ASP B 95 10.90 6.94 16.30
N ASP B 96 10.30 7.54 15.24
CA ASP B 96 9.14 6.98 14.57
C ASP B 96 9.53 6.21 13.29
N PRO B 97 8.98 4.98 13.10
CA PRO B 97 9.29 4.22 11.89
C PRO B 97 8.65 4.81 10.65
N VAL B 98 9.41 4.86 9.54
CA VAL B 98 8.95 5.41 8.26
C VAL B 98 9.31 4.48 7.10
N ALA B 99 8.44 4.39 6.10
CA ALA B 99 8.66 3.59 4.91
C ALA B 99 8.35 4.47 3.70
N PHE B 100 9.00 4.21 2.57
CA PHE B 100 8.81 5.03 1.39
C PHE B 100 8.36 4.24 0.18
N PHE B 101 7.37 4.76 -0.53
CA PHE B 101 6.87 4.18 -1.77
C PHE B 101 6.90 5.26 -2.83
N GLY B 102 7.44 4.93 -3.99
CA GLY B 102 7.50 5.85 -5.12
C GLY B 102 7.24 5.16 -6.44
N HIS B 103 6.24 5.65 -7.20
CA HIS B 103 5.88 5.12 -8.51
C HIS B 103 6.40 6.06 -9.60
N SER B 104 7.15 5.50 -10.57
CA SER B 104 7.77 6.20 -11.70
C SER B 104 8.75 7.29 -11.23
N MET B 105 8.53 8.58 -11.58
CA MET B 105 9.40 9.68 -11.16
C MET B 105 9.49 9.75 -9.63
N GLY B 106 8.39 9.39 -8.97
CA GLY B 106 8.26 9.34 -7.53
C GLY B 106 9.25 8.40 -6.87
N GLY B 107 9.67 7.37 -7.60
CA GLY B 107 10.63 6.36 -7.15
C GLY B 107 12.01 6.91 -6.86
N MET B 108 12.43 7.95 -7.61
CA MET B 108 13.72 8.62 -7.46
C MET B 108 13.68 9.69 -6.41
N LEU B 109 12.60 10.49 -6.37
CA LEU B 109 12.38 11.51 -5.35
C LEU B 109 12.23 10.81 -4.01
N ALA B 110 11.55 9.64 -3.99
CA ALA B 110 11.34 8.80 -2.80
C ALA B 110 12.66 8.25 -2.28
N PHE B 111 13.56 7.82 -3.18
CA PHE B 111 14.89 7.30 -2.87
C PHE B 111 15.76 8.41 -2.28
N GLU B 112 15.75 9.59 -2.92
CA GLU B 112 16.49 10.77 -2.52
C GLU B 112 16.01 11.34 -1.18
N VAL B 113 14.68 11.37 -0.95
CA VAL B 113 14.08 11.84 0.32
C VAL B 113 14.40 10.82 1.42
N ALA B 114 14.34 9.49 1.10
CA ALA B 114 14.67 8.39 2.02
C ALA B 114 16.11 8.48 2.51
N LEU B 115 17.03 8.98 1.63
CA LEU B 115 18.43 9.18 1.94
C LEU B 115 18.60 10.29 2.97
N ARG B 116 17.86 11.41 2.79
CA ARG B 116 17.88 12.57 3.68
C ARG B 116 17.30 12.23 5.07
N TYR B 117 16.31 11.33 5.11
CA TYR B 117 15.65 10.83 6.33
C TYR B 117 16.65 9.97 7.11
N GLN B 118 17.37 9.07 6.38
CA GLN B 118 18.37 8.16 6.93
C GLN B 118 19.60 8.93 7.41
N SER B 119 19.95 10.02 6.71
CA SER B 119 21.11 10.84 7.05
C SER B 119 20.80 11.83 8.18
N ALA B 120 19.69 11.57 8.89
CA ALA B 120 19.18 12.36 10.01
C ALA B 120 18.72 11.50 11.22
N GLY B 121 18.96 10.20 11.15
CA GLY B 121 18.65 9.26 12.23
C GLY B 121 17.28 8.61 12.26
N HIS B 122 16.51 8.71 11.18
CA HIS B 122 15.18 8.10 11.15
C HIS B 122 15.23 6.59 10.94
N ARG B 123 14.27 5.87 11.56
CA ARG B 123 14.14 4.42 11.46
C ARG B 123 13.40 4.06 10.18
N VAL B 124 14.08 4.25 9.02
CA VAL B 124 13.52 3.95 7.71
C VAL B 124 13.51 2.43 7.51
N LEU B 125 12.30 1.85 7.56
CA LEU B 125 12.07 0.41 7.47
C LEU B 125 12.53 -0.16 6.13
N ALA B 126 11.93 0.31 5.03
CA ALA B 126 12.24 -0.16 3.69
C ALA B 126 11.92 0.90 2.61
N PHE B 127 12.26 0.61 1.34
CA PHE B 127 12.04 1.45 0.18
C PHE B 127 11.39 0.63 -0.94
N PHE B 128 10.15 1.01 -1.30
CA PHE B 128 9.36 0.35 -2.33
C PHE B 128 9.35 1.17 -3.61
N VAL B 129 10.04 0.69 -4.65
CA VAL B 129 10.12 1.36 -5.95
C VAL B 129 9.20 0.66 -6.96
N SER B 130 8.41 1.43 -7.71
CA SER B 130 7.48 0.90 -8.70
C SER B 130 7.70 1.60 -10.03
N ALA B 131 7.79 0.82 -11.14
CA ALA B 131 8.00 1.31 -12.52
C ALA B 131 8.97 2.48 -12.64
N CYS B 132 10.14 2.36 -11.99
CA CYS B 132 11.18 3.38 -11.98
C CYS B 132 12.55 2.73 -12.10
N SER B 133 13.30 3.03 -13.19
CA SER B 133 14.65 2.52 -13.45
C SER B 133 15.62 2.95 -12.35
N ALA B 134 16.66 2.14 -12.10
CA ALA B 134 17.68 2.42 -11.09
C ALA B 134 18.48 3.69 -11.47
N PRO B 135 19.00 4.49 -10.49
CA PRO B 135 19.75 5.70 -10.86
C PRO B 135 20.96 5.39 -11.75
N GLY B 136 21.00 6.03 -12.92
CA GLY B 136 22.04 5.84 -13.92
C GLY B 136 21.76 4.68 -14.88
N HIS B 137 20.51 4.18 -14.88
CA HIS B 137 20.10 3.07 -15.76
C HIS B 137 18.87 3.50 -16.56
N ILE B 138 18.74 4.82 -16.71
CA ILE B 138 17.69 5.47 -17.49
C ILE B 138 18.11 5.29 -18.94
N ARG B 139 17.18 4.80 -19.78
CA ARG B 139 17.37 4.51 -21.20
C ARG B 139 18.07 5.63 -21.96
N TYR B 140 17.47 6.81 -21.91
CA TYR B 140 17.83 8.05 -22.59
C TYR B 140 18.71 8.99 -21.79
N LYS B 141 19.14 10.06 -22.46
CA LYS B 141 19.96 11.12 -21.90
C LYS B 141 19.81 12.44 -22.70
N GLN B 142 18.80 13.26 -22.32
CA GLN B 142 18.52 14.58 -22.91
C GLN B 142 18.72 15.67 -21.88
N LEU B 143 19.66 15.46 -20.97
CA LEU B 143 20.09 16.38 -19.93
C LEU B 143 20.76 17.56 -20.66
N GLN B 144 21.59 17.22 -21.69
CA GLN B 144 22.33 18.14 -22.54
C GLN B 144 21.39 19.09 -23.26
N ASP B 145 20.26 18.58 -23.77
CA ASP B 145 19.33 19.39 -24.53
C ASP B 145 18.37 19.99 -23.56
N LEU B 146 17.70 21.04 -23.98
CA LEU B 146 16.75 21.71 -23.10
C LEU B 146 15.69 22.41 -23.91
N SER B 147 14.56 22.73 -23.25
CA SER B 147 13.43 23.47 -23.77
C SER B 147 12.87 22.88 -25.09
N ASP B 148 12.63 23.73 -26.08
CA ASP B 148 12.19 23.51 -27.43
C ASP B 148 13.01 22.49 -28.20
N ARG B 149 14.35 22.56 -28.10
CA ARG B 149 15.32 21.69 -28.79
C ARG B 149 15.00 20.23 -28.72
N GLU B 150 14.77 19.69 -27.50
CA GLU B 150 14.40 18.30 -27.31
C GLU B 150 13.10 18.06 -28.01
N MET B 151 12.09 18.93 -27.83
CA MET B 151 10.81 18.79 -28.54
C MET B 151 10.95 18.82 -30.06
N LEU B 152 11.96 19.57 -30.61
CA LEU B 152 12.26 19.56 -32.05
C LEU B 152 12.92 18.23 -32.43
N ASP B 153 13.68 17.63 -31.49
CA ASP B 153 14.31 16.32 -31.65
C ASP B 153 13.20 15.28 -31.57
N LEU B 154 12.22 15.41 -30.63
CA LEU B 154 11.04 14.55 -30.48
C LEU B 154 9.97 14.86 -31.55
N PHE B 155 10.35 15.62 -32.59
CA PHE B 155 9.47 15.96 -33.71
C PHE B 155 10.20 15.73 -35.01
N THR B 156 11.51 15.44 -34.93
CA THR B 156 12.36 15.10 -36.08
C THR B 156 12.51 13.59 -36.11
N ARG B 157 12.25 12.94 -34.96
CA ARG B 157 12.32 11.48 -34.84
C ARG B 157 11.52 10.81 -35.93
N MET B 158 10.29 11.22 -36.01
CA MET B 158 9.34 10.86 -37.03
C MET B 158 9.06 12.22 -37.66
N THR B 159 9.28 12.34 -38.96
CA THR B 159 8.99 13.63 -39.56
C THR B 159 7.51 14.02 -39.36
N GLY B 160 7.34 15.27 -39.01
CA GLY B 160 6.03 15.90 -38.84
C GLY B 160 6.19 17.35 -39.21
N MET B 161 5.08 18.01 -39.60
CA MET B 161 5.13 19.43 -39.93
C MET B 161 5.51 20.13 -38.63
N ASN B 162 6.70 20.77 -38.57
CA ASN B 162 7.17 21.47 -37.36
C ASN B 162 6.11 22.41 -36.78
N PRO B 163 5.46 23.33 -37.54
CA PRO B 163 4.39 24.16 -36.97
C PRO B 163 3.27 23.34 -36.33
N ASP B 164 2.80 22.28 -37.03
CA ASP B 164 1.74 21.42 -36.55
C ASP B 164 2.20 20.52 -35.38
N PHE B 165 3.44 20.04 -35.39
CA PHE B 165 4.03 19.23 -34.32
C PHE B 165 4.36 20.09 -33.12
N PHE B 166 4.74 21.37 -33.33
CA PHE B 166 5.13 22.28 -32.27
C PHE B 166 4.47 23.64 -32.40
N THR B 167 3.14 23.69 -32.19
CA THR B 167 2.39 24.94 -32.17
C THR B 167 2.93 25.73 -30.98
N ASP B 168 3.51 26.88 -31.25
CA ASP B 168 4.04 27.77 -30.22
C ASP B 168 2.92 28.18 -29.24
N ASP B 169 1.75 28.53 -29.78
CA ASP B 169 0.59 28.99 -29.01
C ASP B 169 -0.02 27.98 -28.04
N GLU B 170 -0.20 26.71 -28.45
CA GLU B 170 -0.91 25.78 -27.59
C GLU B 170 -0.12 24.58 -27.10
N PHE B 171 0.93 24.12 -27.80
CA PHE B 171 1.69 22.93 -27.33
C PHE B 171 2.29 23.13 -25.95
N PHE B 172 2.90 24.30 -25.70
CA PHE B 172 3.51 24.60 -24.41
C PHE B 172 2.48 24.73 -23.35
N VAL B 173 1.41 25.48 -23.63
CA VAL B 173 0.30 25.64 -22.71
C VAL B 173 -0.33 24.28 -22.40
N GLY B 174 -0.66 23.53 -23.45
CA GLY B 174 -1.31 22.22 -23.41
C GLY B 174 -0.51 21.18 -22.69
N ALA B 175 0.75 20.98 -23.10
CA ALA B 175 1.61 19.93 -22.54
C ALA B 175 3.12 20.17 -22.69
N LEU B 176 3.63 21.15 -21.96
CA LEU B 176 5.07 21.36 -21.85
C LEU B 176 5.53 20.91 -20.42
N PRO B 177 4.62 20.73 -19.42
CA PRO B 177 5.06 20.30 -18.09
C PRO B 177 5.92 19.05 -18.14
N THR B 178 5.58 18.06 -18.99
CA THR B 178 6.32 16.82 -19.19
C THR B 178 7.76 17.05 -19.54
N LEU B 179 8.00 17.97 -20.48
CA LEU B 179 9.37 18.29 -20.91
C LEU B 179 10.19 18.73 -19.70
N ARG B 180 9.57 19.53 -18.82
CA ARG B 180 10.15 20.05 -17.58
C ARG B 180 10.62 18.92 -16.66
N ALA B 181 9.91 17.77 -16.65
CA ALA B 181 10.19 16.59 -15.84
C ALA B 181 11.11 15.54 -16.50
N VAL B 182 11.16 15.49 -17.85
CA VAL B 182 12.01 14.52 -18.56
C VAL B 182 13.50 14.80 -18.30
N ARG B 183 13.92 16.08 -18.40
CA ARG B 183 15.29 16.55 -18.17
C ARG B 183 15.77 16.23 -16.76
N ALA B 184 14.84 16.28 -15.79
CA ALA B 184 15.13 15.98 -14.40
C ALA B 184 15.50 14.50 -14.25
N ILE B 185 14.68 13.60 -14.81
CA ILE B 185 14.88 12.15 -14.78
C ILE B 185 16.15 11.78 -15.56
N ALA B 186 16.31 12.37 -16.75
CA ALA B 186 17.45 12.14 -17.63
C ALA B 186 18.75 12.65 -17.03
N GLY B 187 18.68 13.79 -16.36
CA GLY B 187 19.82 14.43 -15.72
C GLY B 187 20.15 13.89 -14.35
N TYR B 188 19.28 13.04 -13.79
CA TYR B 188 19.51 12.45 -12.47
C TYR B 188 20.56 11.34 -12.49
N SER B 189 21.53 11.46 -11.58
CA SER B 189 22.63 10.53 -11.38
C SER B 189 22.92 10.45 -9.90
N CYS B 190 23.08 9.23 -9.39
CA CYS B 190 23.41 9.04 -7.97
C CYS B 190 24.76 8.33 -7.84
N PRO B 191 25.69 8.90 -7.03
CA PRO B 191 27.02 8.25 -6.85
C PRO B 191 26.92 6.80 -6.38
N PRO B 192 27.83 5.90 -6.84
CA PRO B 192 27.71 4.47 -6.47
C PRO B 192 27.70 4.15 -4.97
N GLU B 193 28.47 4.92 -4.17
CA GLU B 193 28.62 4.74 -2.72
C GLU B 193 27.37 5.14 -1.93
N THR B 194 26.59 6.11 -2.44
CA THR B 194 25.37 6.59 -1.78
C THR B 194 24.31 5.50 -1.88
N LYS B 195 24.16 4.76 -0.77
CA LYS B 195 23.26 3.62 -0.64
C LYS B 195 22.35 3.76 0.60
N LEU B 196 21.23 3.01 0.61
CA LEU B 196 20.30 2.96 1.73
C LEU B 196 20.68 1.82 2.66
N SER B 197 20.33 1.94 3.96
CA SER B 197 20.63 0.94 4.98
C SER B 197 19.39 0.08 5.29
N CYS B 198 18.43 0.08 4.35
CA CYS B 198 17.15 -0.64 4.46
C CYS B 198 16.90 -1.50 3.22
N PRO B 199 16.10 -2.59 3.32
CA PRO B 199 15.85 -3.41 2.11
C PRO B 199 15.03 -2.68 1.03
N ILE B 200 15.37 -2.86 -0.24
CA ILE B 200 14.64 -2.25 -1.36
C ILE B 200 13.76 -3.30 -2.01
N TYR B 201 12.49 -2.95 -2.26
CA TYR B 201 11.50 -3.80 -2.91
C TYR B 201 11.04 -3.14 -4.20
N ALA B 202 11.40 -3.73 -5.35
CA ALA B 202 11.02 -3.23 -6.66
C ALA B 202 9.81 -3.95 -7.23
N PHE B 203 8.93 -3.22 -7.93
CA PHE B 203 7.71 -3.73 -8.54
C PHE B 203 7.59 -3.22 -9.96
N ILE B 204 7.35 -4.15 -10.90
CA ILE B 204 7.27 -3.86 -12.33
C ILE B 204 6.06 -4.51 -13.01
N GLY B 205 5.53 -3.81 -14.01
CA GLY B 205 4.49 -4.32 -14.88
C GLY B 205 5.22 -4.99 -16.03
N ASP B 206 4.94 -6.28 -16.29
CA ASP B 206 5.65 -7.05 -17.33
C ASP B 206 5.58 -6.44 -18.74
N LYS B 207 4.52 -5.65 -19.00
CA LYS B 207 4.31 -4.99 -20.30
C LYS B 207 4.58 -3.50 -20.24
N ASP B 208 5.56 -3.11 -19.41
CA ASP B 208 6.01 -1.72 -19.29
C ASP B 208 7.32 -1.54 -20.03
N TRP B 209 7.44 -0.40 -20.71
CA TRP B 209 8.59 -0.04 -21.52
C TRP B 209 9.22 1.32 -21.15
N ILE B 210 8.62 2.03 -20.18
CA ILE B 210 9.16 3.30 -19.66
C ILE B 210 10.23 2.87 -18.64
N ALA B 211 10.01 1.68 -18.04
CA ALA B 211 10.85 0.99 -17.09
C ALA B 211 10.64 -0.50 -17.30
N THR B 212 11.71 -1.30 -17.27
CA THR B 212 11.62 -2.75 -17.42
C THR B 212 12.25 -3.46 -16.22
N GLN B 213 12.12 -4.80 -16.15
CA GLN B 213 12.72 -5.61 -15.09
C GLN B 213 14.23 -5.46 -15.14
N ASP B 214 14.81 -5.35 -16.35
CA ASP B 214 16.24 -5.19 -16.57
C ASP B 214 16.82 -3.90 -15.98
N ASP B 215 16.20 -2.73 -16.24
CA ASP B 215 16.71 -1.46 -15.73
C ASP B 215 16.30 -1.17 -14.27
N MET B 216 15.30 -1.90 -13.74
CA MET B 216 14.90 -1.76 -12.34
C MET B 216 15.73 -2.66 -11.45
N ASP B 217 16.29 -3.72 -12.05
CA ASP B 217 17.13 -4.70 -11.37
C ASP B 217 18.37 -4.09 -10.67
N PRO B 218 19.15 -3.15 -11.27
CA PRO B 218 20.31 -2.61 -10.55
C PRO B 218 20.05 -1.76 -9.30
N TRP B 219 18.78 -1.69 -8.83
CA TRP B 219 18.40 -0.98 -7.59
C TRP B 219 19.02 -1.71 -6.38
N ARG B 220 19.57 -2.93 -6.61
CA ARG B 220 20.26 -3.76 -5.63
C ARG B 220 21.53 -3.05 -5.12
N ASP B 221 22.18 -2.28 -6.03
CA ASP B 221 23.42 -1.52 -5.84
C ASP B 221 23.17 -0.19 -5.13
N ARG B 222 21.93 0.02 -4.64
CA ARG B 222 21.46 1.19 -3.92
C ARG B 222 21.07 0.85 -2.46
N THR B 223 21.37 -0.38 -2.05
CA THR B 223 21.11 -0.85 -0.70
C THR B 223 22.28 -1.64 -0.16
N THR B 224 22.45 -1.58 1.16
CA THR B 224 23.47 -2.30 1.91
C THR B 224 22.89 -3.65 2.32
N GLU B 225 21.54 -3.74 2.35
CA GLU B 225 20.79 -4.90 2.82
C GLU B 225 20.15 -5.72 1.70
N GLU B 226 18.97 -6.30 1.97
CA GLU B 226 18.21 -7.18 1.07
C GLU B 226 17.60 -6.45 -0.12
N PHE B 227 17.14 -7.22 -1.11
CA PHE B 227 16.49 -6.70 -2.30
C PHE B 227 15.60 -7.78 -2.92
N SER B 228 14.44 -7.37 -3.43
CA SER B 228 13.49 -8.25 -4.07
C SER B 228 12.79 -7.52 -5.21
N ILE B 229 12.68 -8.16 -6.39
CA ILE B 229 11.96 -7.58 -7.51
C ILE B 229 10.76 -8.47 -7.84
N ARG B 230 9.58 -7.86 -7.94
CA ARG B 230 8.35 -8.56 -8.25
C ARG B 230 7.76 -8.05 -9.56
N VAL B 231 7.39 -8.98 -10.44
CA VAL B 231 6.77 -8.71 -11.73
C VAL B 231 5.25 -8.97 -11.66
N PHE B 232 4.46 -7.98 -12.08
CA PHE B 232 3.00 -8.03 -12.09
C PHE B 232 2.53 -7.95 -13.53
N PRO B 233 1.39 -8.59 -13.91
CA PRO B 233 0.90 -8.45 -15.27
C PRO B 233 0.25 -7.06 -15.43
N GLY B 234 0.66 -6.34 -16.43
CA GLY B 234 0.08 -5.02 -16.62
C GLY B 234 1.02 -4.07 -17.29
N ASP B 235 0.54 -2.88 -17.53
CA ASP B 235 1.36 -1.88 -18.19
C ASP B 235 2.05 -1.03 -17.12
N HIS B 236 2.56 0.16 -17.51
CA HIS B 236 3.11 1.18 -16.62
C HIS B 236 2.11 1.53 -15.49
N PHE B 237 0.81 1.59 -15.82
CA PHE B 237 -0.28 1.83 -14.86
C PHE B 237 -0.94 0.52 -14.44
N TYR B 238 -0.12 -0.34 -13.90
CA TYR B 238 -0.53 -1.66 -13.47
C TYR B 238 -1.07 -1.60 -12.05
N LEU B 239 -0.93 -0.45 -11.38
CA LEU B 239 -1.37 -0.24 -9.99
C LEU B 239 -2.84 -0.55 -9.90
N ASN B 240 -3.66 -0.02 -10.81
CA ASN B 240 -5.09 -0.26 -10.83
C ASN B 240 -5.42 -1.70 -11.10
N ASP B 241 -4.70 -2.35 -12.03
CA ASP B 241 -4.95 -3.75 -12.36
C ASP B 241 -4.71 -4.71 -11.17
N ASN B 242 -3.58 -4.58 -10.44
CA ASN B 242 -3.24 -5.50 -9.37
C ASN B 242 -2.62 -4.81 -8.18
N LEU B 243 -3.46 -4.18 -7.37
CA LEU B 243 -3.00 -3.51 -6.17
C LEU B 243 -3.38 -4.25 -4.88
N PRO B 244 -4.37 -5.18 -4.82
CA PRO B 244 -4.68 -5.84 -3.55
C PRO B 244 -3.45 -6.62 -3.08
N GLU B 245 -2.84 -7.35 -4.03
CA GLU B 245 -1.68 -8.18 -3.86
C GLU B 245 -0.43 -7.32 -3.74
N LEU B 246 -0.36 -6.19 -4.48
CA LEU B 246 0.76 -5.25 -4.43
C LEU B 246 0.82 -4.54 -3.07
N VAL B 247 -0.34 -4.04 -2.61
CA VAL B 247 -0.48 -3.36 -1.32
C VAL B 247 -0.23 -4.36 -0.18
N SER B 248 -0.72 -5.61 -0.31
CA SER B 248 -0.52 -6.66 0.69
C SER B 248 0.96 -6.95 0.91
N ASP B 249 1.78 -6.95 -0.17
CA ASP B 249 3.23 -7.14 -0.10
C ASP B 249 3.91 -5.98 0.63
N ILE B 250 3.59 -4.72 0.22
CA ILE B 250 4.12 -3.48 0.81
C ILE B 250 3.79 -3.44 2.31
N GLU B 251 2.50 -3.68 2.65
CA GLU B 251 1.99 -3.72 4.03
C GLU B 251 2.71 -4.78 4.86
N ASP B 252 2.83 -6.02 4.31
CA ASP B 252 3.50 -7.12 4.97
C ASP B 252 4.96 -6.83 5.22
N LYS B 253 5.69 -6.26 4.23
CA LYS B 253 7.12 -5.94 4.38
C LYS B 253 7.39 -4.71 5.27
N THR B 254 6.37 -3.85 5.50
CA THR B 254 6.52 -2.72 6.41
C THR B 254 6.33 -3.26 7.83
N LEU B 255 5.27 -4.07 8.03
CA LEU B 255 4.91 -4.69 9.31
C LEU B 255 5.58 -6.06 9.56
N GLN B 256 6.56 -6.46 8.70
CA GLN B 256 7.28 -7.74 8.82
C GLN B 256 8.25 -7.72 9.99
N TRP B 257 8.81 -6.54 10.27
CA TRP B 257 9.71 -6.27 11.38
C TRP B 257 9.42 -4.89 11.94
N HIS B 258 9.40 -4.76 13.26
CA HIS B 258 9.14 -3.48 13.91
C HIS B 258 10.07 -3.21 15.09
N ASP B 259 10.93 -4.20 15.44
CA ASP B 259 11.95 -4.17 16.49
C ASP B 259 11.39 -3.81 17.88
N GLN C 26 3.96 5.99 24.59
CA GLN C 26 4.17 7.43 24.42
C GLN C 26 3.85 7.87 22.98
N ALA C 27 3.11 8.99 22.86
CA ALA C 27 2.69 9.58 21.59
C ALA C 27 2.74 11.11 21.61
N ALA C 28 2.84 11.72 20.42
CA ALA C 28 2.87 13.17 20.20
C ALA C 28 1.63 13.58 19.39
N PRO C 29 1.05 14.79 19.61
CA PRO C 29 -0.13 15.17 18.80
C PRO C 29 0.24 15.62 17.40
N THR C 30 -0.59 15.26 16.40
CA THR C 30 -0.37 15.65 15.01
C THR C 30 -1.17 16.93 14.72
N LEU C 31 -0.46 18.03 14.42
CA LEU C 31 -1.13 19.28 14.08
C LEU C 31 -1.13 19.47 12.57
N TYR C 32 -2.35 19.60 11.99
CA TYR C 32 -2.55 19.83 10.57
C TYR C 32 -2.55 21.31 10.28
N ILE C 33 -1.73 21.74 9.31
CA ILE C 33 -1.62 23.14 8.95
C ILE C 33 -2.30 23.33 7.59
N PHE C 34 -3.29 24.22 7.56
CA PHE C 34 -4.09 24.53 6.39
C PHE C 34 -3.72 25.93 5.89
N PRO C 35 -3.13 26.06 4.67
CA PRO C 35 -2.75 27.39 4.17
C PRO C 35 -3.93 28.28 3.80
N HIS C 36 -3.63 29.53 3.44
CA HIS C 36 -4.59 30.51 2.98
C HIS C 36 -4.85 30.27 1.47
N ALA C 37 -5.79 31.03 0.85
CA ALA C 37 -6.13 30.91 -0.57
C ALA C 37 -4.90 31.30 -1.39
N GLY C 38 -4.37 30.32 -2.12
CA GLY C 38 -3.20 30.52 -2.96
C GLY C 38 -1.86 30.27 -2.27
N GLY C 39 -1.90 30.07 -0.95
CA GLY C 39 -0.72 29.80 -0.14
C GLY C 39 -0.30 28.35 -0.22
N THR C 40 1.00 28.11 -0.32
CA THR C 40 1.60 26.78 -0.44
C THR C 40 2.10 26.27 0.91
N ALA C 41 2.50 24.98 0.98
CA ALA C 41 3.05 24.40 2.21
C ALA C 41 4.49 24.91 2.47
N LYS C 42 5.09 25.60 1.47
CA LYS C 42 6.41 26.22 1.52
C LYS C 42 6.36 27.57 2.26
N ASP C 43 5.18 28.23 2.39
CA ASP C 43 5.07 29.51 3.14
C ASP C 43 5.01 29.23 4.63
N TYR C 44 4.60 28.02 4.99
CA TYR C 44 4.49 27.62 6.38
C TYR C 44 5.70 26.81 6.86
N VAL C 45 6.81 26.80 6.07
CA VAL C 45 8.05 26.13 6.45
C VAL C 45 8.68 26.85 7.65
N ALA C 46 8.66 28.21 7.65
CA ALA C 46 9.18 29.08 8.71
C ALA C 46 8.27 28.99 9.93
N PHE C 47 6.95 28.81 9.69
CA PHE C 47 5.92 28.65 10.70
C PHE C 47 6.15 27.32 11.42
N SER C 48 6.33 26.24 10.60
CA SER C 48 6.58 24.87 11.00
C SER C 48 7.87 24.70 11.71
N ARG C 49 8.97 25.29 11.23
CA ARG C 49 10.29 25.15 11.84
C ARG C 49 10.38 25.62 13.29
N GLU C 50 9.71 26.74 13.60
CA GLU C 50 9.76 27.39 14.90
C GLU C 50 9.23 26.55 16.06
N PHE C 51 8.35 25.57 15.78
CA PHE C 51 7.75 24.71 16.81
C PHE C 51 8.73 23.94 17.64
N SER C 52 9.71 23.29 16.99
CA SER C 52 10.72 22.45 17.64
C SER C 52 9.99 21.43 18.53
N ALA C 53 10.38 21.37 19.83
CA ALA C 53 9.79 20.53 20.87
C ALA C 53 9.57 19.09 20.35
N ASP C 54 8.36 18.61 20.50
CA ASP C 54 7.92 17.27 20.19
C ASP C 54 6.53 17.44 19.60
N VAL C 55 6.52 18.14 18.47
CA VAL C 55 5.28 18.44 17.79
C VAL C 55 5.44 17.91 16.41
N LYS C 56 4.48 17.11 15.96
CA LYS C 56 4.55 16.59 14.60
C LYS C 56 3.65 17.44 13.74
N ARG C 57 4.17 17.96 12.62
CA ARG C 57 3.42 18.88 11.78
C ARG C 57 3.25 18.39 10.37
N ILE C 58 1.98 18.23 9.96
CA ILE C 58 1.64 17.81 8.61
C ILE C 58 1.02 18.99 7.87
N ALA C 59 1.73 19.49 6.84
CA ALA C 59 1.27 20.61 6.03
C ALA C 59 0.36 20.11 4.91
N VAL C 60 -0.91 20.56 4.91
CA VAL C 60 -1.93 20.17 3.92
C VAL C 60 -1.71 20.97 2.64
N GLN C 61 -1.63 20.27 1.51
CA GLN C 61 -1.49 20.90 0.21
C GLN C 61 -2.78 20.68 -0.56
N TYR C 62 -3.40 21.77 -1.03
CA TYR C 62 -4.67 21.69 -1.76
C TYR C 62 -4.43 21.27 -3.22
N PRO C 63 -5.36 20.50 -3.86
CA PRO C 63 -5.17 20.12 -5.28
C PRO C 63 -5.24 21.30 -6.24
N GLU C 75 -15.72 24.53 -7.41
CA GLU C 75 -14.90 24.30 -6.23
C GLU C 75 -15.49 24.96 -4.99
N SER C 76 -16.43 24.26 -4.34
CA SER C 76 -17.05 24.73 -3.10
C SER C 76 -16.20 24.29 -1.91
N ILE C 77 -16.55 24.72 -0.70
CA ILE C 77 -15.82 24.40 0.53
C ILE C 77 -16.21 23.06 1.16
N PRO C 78 -17.49 22.69 1.44
CA PRO C 78 -17.72 21.36 2.01
C PRO C 78 -17.27 20.18 1.13
N THR C 79 -17.28 20.38 -0.21
CA THR C 79 -16.90 19.37 -1.20
C THR C 79 -15.39 19.10 -1.17
N LEU C 80 -14.57 20.17 -1.17
CA LEU C 80 -13.12 20.00 -1.13
C LEU C 80 -12.65 19.69 0.31
N ALA C 81 -13.46 20.07 1.34
CA ALA C 81 -13.18 19.74 2.73
C ALA C 81 -13.34 18.22 2.93
N ASP C 82 -14.30 17.60 2.22
CA ASP C 82 -14.45 16.15 2.30
C ASP C 82 -13.33 15.46 1.52
N GLU C 83 -12.85 16.08 0.39
CA GLU C 83 -11.72 15.57 -0.39
C GLU C 83 -10.48 15.54 0.51
N ILE C 84 -10.17 16.66 1.21
CA ILE C 84 -9.04 16.75 2.14
C ILE C 84 -9.16 15.66 3.20
N PHE C 85 -10.37 15.48 3.78
CA PHE C 85 -10.64 14.45 4.78
C PHE C 85 -10.38 13.03 4.28
N ALA C 86 -10.80 12.71 3.03
CA ALA C 86 -10.59 11.41 2.38
C ALA C 86 -9.09 11.13 2.17
N MET C 87 -8.30 12.20 1.93
CA MET C 87 -6.86 12.19 1.70
C MET C 87 -6.05 12.11 3.00
N MET C 88 -6.54 12.78 4.05
CA MET C 88 -5.87 12.91 5.35
C MET C 88 -6.28 11.88 6.39
N LYS C 89 -7.44 11.23 6.24
CA LYS C 89 -7.93 10.19 7.17
C LYS C 89 -6.82 9.11 7.41
N PRO C 90 -6.15 8.54 6.36
CA PRO C 90 -5.11 7.53 6.60
C PRO C 90 -3.84 8.01 7.31
N SER C 91 -3.56 9.34 7.29
CA SER C 91 -2.36 9.94 7.92
C SER C 91 -2.29 9.74 9.44
N ALA C 92 -3.45 9.62 10.11
CA ALA C 92 -3.52 9.40 11.54
C ALA C 92 -4.47 8.28 11.92
N ARG C 93 -4.17 7.62 13.04
CA ARG C 93 -4.94 6.52 13.61
C ARG C 93 -6.01 7.15 14.46
N ILE C 94 -7.04 6.37 14.87
CA ILE C 94 -8.17 6.85 15.66
C ILE C 94 -7.71 7.49 16.99
N ASP C 95 -6.95 6.75 17.81
CA ASP C 95 -6.50 7.21 19.12
C ASP C 95 -5.54 8.42 19.09
N ASP C 96 -4.65 8.51 18.11
CA ASP C 96 -3.65 9.58 18.02
C ASP C 96 -4.23 10.99 18.16
N PRO C 97 -3.65 11.82 19.05
CA PRO C 97 -4.18 13.19 19.25
C PRO C 97 -4.09 14.02 18.00
N VAL C 98 -5.09 14.88 17.79
CA VAL C 98 -5.11 15.67 16.57
C VAL C 98 -5.51 17.13 16.81
N ALA C 99 -4.73 18.06 16.25
CA ALA C 99 -4.98 19.49 16.37
C ALA C 99 -5.03 20.10 14.97
N PHE C 100 -5.85 21.13 14.76
CA PHE C 100 -6.02 21.76 13.46
C PHE C 100 -5.73 23.24 13.49
N PHE C 101 -4.92 23.70 12.53
CA PHE C 101 -4.62 25.10 12.36
C PHE C 101 -4.94 25.50 10.94
N GLY C 102 -5.64 26.62 10.81
CA GLY C 102 -6.01 27.16 9.51
C GLY C 102 -5.92 28.66 9.50
N HIS C 103 -5.19 29.19 8.52
CA HIS C 103 -5.05 30.62 8.32
C HIS C 103 -5.88 31.02 7.10
N SER C 104 -6.73 32.05 7.28
CA SER C 104 -7.64 32.61 6.27
C SER C 104 -8.62 31.56 5.74
N MET C 105 -8.62 31.24 4.42
CA MET C 105 -9.52 30.21 3.85
C MET C 105 -9.31 28.86 4.53
N GLY C 106 -8.05 28.54 4.84
CA GLY C 106 -7.68 27.30 5.53
C GLY C 106 -8.30 27.17 6.90
N GLY C 107 -8.67 28.30 7.49
CA GLY C 107 -9.31 28.40 8.80
C GLY C 107 -10.59 27.61 8.85
N MET C 108 -11.47 27.84 7.90
CA MET C 108 -12.73 27.13 7.86
C MET C 108 -12.68 25.79 7.13
N LEU C 109 -11.62 25.56 6.33
CA LEU C 109 -11.37 24.26 5.71
C LEU C 109 -10.89 23.32 6.80
N ALA C 110 -10.03 23.82 7.72
CA ALA C 110 -9.52 23.11 8.88
C ALA C 110 -10.69 22.84 9.81
N PHE C 111 -11.61 23.82 9.97
CA PHE C 111 -12.81 23.74 10.79
C PHE C 111 -13.70 22.63 10.30
N GLU C 112 -14.11 22.71 9.02
CA GLU C 112 -15.00 21.72 8.43
C GLU C 112 -14.37 20.34 8.41
N VAL C 113 -13.06 20.23 8.07
CA VAL C 113 -12.33 18.94 8.08
C VAL C 113 -12.33 18.39 9.53
N ALA C 114 -11.98 19.24 10.52
CA ALA C 114 -11.93 18.92 11.96
C ALA C 114 -13.23 18.29 12.44
N LEU C 115 -14.36 18.83 11.94
CA LEU C 115 -15.69 18.38 12.25
C LEU C 115 -15.75 16.98 11.94
N ARG C 116 -15.24 16.48 10.74
CA ARG C 116 -15.23 15.05 10.25
C ARG C 116 -14.32 14.11 11.09
N TYR C 117 -13.24 14.68 11.53
CA TYR C 117 -12.31 13.97 12.37
C TYR C 117 -12.94 13.72 13.71
N GLN C 118 -13.56 14.75 14.34
CA GLN C 118 -14.30 14.66 15.58
C GLN C 118 -15.60 13.91 15.28
N SER C 119 -16.08 13.97 13.98
CA SER C 119 -17.32 13.26 13.54
C SER C 119 -17.14 11.82 13.56
N ALA C 120 -15.93 11.31 13.31
CA ALA C 120 -15.69 9.87 13.32
C ALA C 120 -14.82 9.43 14.52
N GLY C 121 -14.37 10.40 15.33
CA GLY C 121 -13.53 10.19 16.51
C GLY C 121 -12.26 11.01 16.52
N HIS C 122 -11.08 10.38 16.70
CA HIS C 122 -9.73 10.96 16.64
C HIS C 122 -9.37 12.02 17.74
N ARG C 123 -10.26 12.32 18.73
CA ARG C 123 -9.95 13.21 19.85
C ARG C 123 -9.26 14.52 19.45
N VAL C 124 -10.01 15.42 18.76
CA VAL C 124 -9.44 16.71 18.37
C VAL C 124 -9.11 17.48 19.64
N LEU C 125 -7.81 17.73 19.90
CA LEU C 125 -7.38 18.47 21.08
C LEU C 125 -7.91 19.89 21.04
N ALA C 126 -7.72 20.58 19.89
CA ALA C 126 -8.17 21.95 19.70
C ALA C 126 -8.17 22.35 18.23
N PHE C 127 -8.83 23.45 17.92
CA PHE C 127 -8.89 24.00 16.58
C PHE C 127 -8.53 25.48 16.66
N PHE C 128 -7.54 25.89 15.85
CA PHE C 128 -6.98 27.23 15.91
C PHE C 128 -7.15 28.03 14.61
N VAL C 129 -7.92 29.13 14.69
CA VAL C 129 -8.20 29.99 13.54
C VAL C 129 -7.36 31.24 13.54
N SER C 130 -6.85 31.63 12.37
CA SER C 130 -6.11 32.87 12.27
C SER C 130 -6.49 33.60 11.00
N ALA C 131 -6.94 34.84 11.17
CA ALA C 131 -7.42 35.75 10.14
C ALA C 131 -8.53 35.15 9.23
N CYS C 132 -9.53 34.54 9.87
CA CYS C 132 -10.66 33.91 9.22
C CYS C 132 -11.95 34.20 9.99
N SER C 133 -12.89 34.93 9.37
CA SER C 133 -14.20 35.27 9.95
C SER C 133 -14.99 34.00 10.26
N ALA C 134 -15.84 34.07 11.29
CA ALA C 134 -16.68 32.93 11.64
C ALA C 134 -17.65 32.63 10.47
N PRO C 135 -18.15 31.37 10.34
CA PRO C 135 -19.08 31.06 9.24
C PRO C 135 -20.33 31.94 9.36
N GLY C 136 -20.74 32.52 8.25
CA GLY C 136 -21.91 33.39 8.21
C GLY C 136 -21.68 34.78 8.76
N HIS C 137 -20.40 35.17 8.99
CA HIS C 137 -20.01 36.49 9.47
C HIS C 137 -18.99 37.15 8.54
N ILE C 138 -18.86 36.61 7.33
CA ILE C 138 -17.90 37.05 6.32
C ILE C 138 -18.14 38.49 5.85
N ARG C 139 -19.44 38.87 5.70
CA ARG C 139 -20.01 40.15 5.31
C ARG C 139 -20.05 40.35 3.76
N TYR C 140 -19.49 39.44 2.95
CA TYR C 140 -19.58 39.65 1.51
C TYR C 140 -20.14 38.46 0.81
N LYS C 141 -21.13 38.69 -0.04
CA LYS C 141 -21.78 37.60 -0.74
C LYS C 141 -21.80 37.90 -2.22
N GLN C 142 -20.95 37.18 -2.96
CA GLN C 142 -20.82 37.29 -4.40
C GLN C 142 -21.34 36.02 -5.04
N LEU C 143 -22.37 35.42 -4.43
CA LEU C 143 -23.02 34.22 -4.93
C LEU C 143 -23.79 34.60 -6.19
N GLN C 144 -24.25 35.89 -6.23
CA GLN C 144 -24.94 36.52 -7.35
C GLN C 144 -23.93 36.89 -8.43
N ASP C 145 -23.02 35.95 -8.77
CA ASP C 145 -21.95 36.26 -9.71
C ASP C 145 -21.47 35.13 -10.60
N LEU C 146 -20.74 35.53 -11.65
CA LEU C 146 -20.08 34.68 -12.62
C LEU C 146 -18.66 35.19 -12.75
N SER C 147 -17.72 34.37 -13.26
CA SER C 147 -16.32 34.77 -13.43
C SER C 147 -16.19 36.08 -14.22
N ASP C 148 -16.86 36.16 -15.38
CA ASP C 148 -16.84 37.36 -16.22
C ASP C 148 -17.55 38.47 -15.49
N ARG C 149 -18.72 38.15 -14.90
CA ARG C 149 -19.58 39.04 -14.14
C ARG C 149 -18.86 39.69 -12.96
N GLU C 150 -18.07 38.90 -12.21
CA GLU C 150 -17.29 39.32 -11.04
C GLU C 150 -16.40 40.47 -11.39
N MET C 151 -15.70 40.36 -12.52
CA MET C 151 -14.82 41.39 -13.03
C MET C 151 -15.55 42.70 -13.25
N LEU C 152 -16.72 42.64 -13.91
CA LEU C 152 -17.56 43.79 -14.19
C LEU C 152 -17.81 44.65 -12.96
N ASP C 153 -18.17 44.03 -11.81
CA ASP C 153 -18.49 44.71 -10.55
C ASP C 153 -17.32 45.50 -10.08
N LEU C 154 -16.11 44.92 -10.25
CA LEU C 154 -14.89 45.60 -9.92
C LEU C 154 -14.79 46.82 -10.82
N PHE C 155 -15.08 46.71 -12.12
CA PHE C 155 -14.98 47.85 -13.03
C PHE C 155 -15.99 48.89 -12.69
N THR C 156 -17.22 48.46 -12.32
CA THR C 156 -18.31 49.36 -11.94
C THR C 156 -17.88 50.14 -10.71
N ARG C 157 -17.30 49.46 -9.71
CA ARG C 157 -16.85 50.08 -8.47
C ARG C 157 -15.52 50.85 -8.63
N MET C 158 -14.55 50.27 -9.35
CA MET C 158 -13.18 50.75 -9.60
C MET C 158 -13.08 51.76 -10.76
N THR C 159 -14.22 52.25 -11.28
CA THR C 159 -14.35 53.22 -12.39
C THR C 159 -13.64 52.72 -13.66
N GLY C 174 -7.44 37.21 -17.66
CA GLY C 174 -7.87 35.82 -17.69
C GLY C 174 -6.94 34.87 -16.97
N ALA C 175 -5.61 35.08 -17.14
CA ALA C 175 -4.54 34.27 -16.54
C ALA C 175 -4.44 34.43 -15.01
N LEU C 176 -4.87 35.59 -14.49
CA LEU C 176 -4.88 35.92 -13.06
C LEU C 176 -6.14 35.41 -12.31
N PRO C 177 -7.40 35.62 -12.81
CA PRO C 177 -8.58 35.21 -12.03
C PRO C 177 -8.79 33.72 -11.74
N THR C 178 -8.21 33.27 -10.62
CA THR C 178 -8.39 31.99 -9.96
C THR C 178 -8.90 32.43 -8.58
N LEU C 179 -8.69 33.74 -8.30
CA LEU C 179 -9.13 34.48 -7.11
C LEU C 179 -10.65 34.63 -7.16
N ARG C 180 -11.26 34.51 -8.36
CA ARG C 180 -12.70 34.58 -8.62
C ARG C 180 -13.48 33.54 -7.80
N ALA C 181 -12.73 32.65 -7.09
CA ALA C 181 -13.25 31.61 -6.21
C ALA C 181 -13.59 32.17 -4.81
N VAL C 182 -13.84 33.51 -4.72
CA VAL C 182 -14.28 34.23 -3.52
C VAL C 182 -15.71 33.72 -3.23
N ARG C 183 -16.41 33.26 -4.30
CA ARG C 183 -17.76 32.67 -4.32
C ARG C 183 -17.86 31.54 -3.29
N ALA C 184 -16.77 30.76 -3.13
CA ALA C 184 -16.67 29.66 -2.18
C ALA C 184 -16.63 30.16 -0.73
N ILE C 185 -15.72 31.10 -0.41
CA ILE C 185 -15.58 31.67 0.94
C ILE C 185 -16.86 32.42 1.35
N ALA C 186 -17.40 33.25 0.44
CA ALA C 186 -18.62 34.03 0.63
C ALA C 186 -19.88 33.15 0.80
N GLY C 187 -19.94 32.05 0.05
CA GLY C 187 -21.06 31.12 0.03
C GLY C 187 -21.02 29.92 0.96
N TYR C 188 -20.30 30.02 2.09
CA TYR C 188 -20.23 28.93 3.06
C TYR C 188 -20.96 29.27 4.31
N SER C 189 -22.11 28.64 4.48
CA SER C 189 -22.89 28.84 5.66
C SER C 189 -22.90 27.56 6.47
N CYS C 190 -22.69 27.68 7.79
CA CYS C 190 -22.67 26.51 8.67
C CYS C 190 -23.81 26.60 9.69
N PRO C 191 -24.65 25.56 9.81
CA PRO C 191 -25.77 25.61 10.78
C PRO C 191 -25.31 25.87 12.22
N PRO C 192 -26.06 26.63 13.06
CA PRO C 192 -25.58 26.97 14.42
C PRO C 192 -25.24 25.81 15.35
N GLU C 193 -25.96 24.68 15.23
CA GLU C 193 -25.80 23.48 16.04
C GLU C 193 -24.53 22.68 15.70
N THR C 194 -24.07 22.72 14.42
CA THR C 194 -22.86 22.03 13.97
C THR C 194 -21.65 22.71 14.62
N LYS C 195 -21.20 22.13 15.74
CA LYS C 195 -20.16 22.65 16.61
C LYS C 195 -19.06 21.65 16.92
N LEU C 196 -17.88 22.16 17.32
CA LEU C 196 -16.74 21.36 17.74
C LEU C 196 -16.79 21.13 19.26
N SER C 197 -16.23 20.01 19.72
CA SER C 197 -16.18 19.63 21.14
C SER C 197 -14.80 19.94 21.73
N CYS C 198 -14.05 20.85 21.09
CA CYS C 198 -12.71 21.24 21.47
C CYS C 198 -12.57 22.77 21.57
N PRO C 199 -11.61 23.30 22.37
CA PRO C 199 -11.45 24.78 22.42
C PRO C 199 -10.95 25.38 21.11
N ILE C 200 -11.53 26.55 20.75
CA ILE C 200 -11.17 27.31 19.56
C ILE C 200 -10.32 28.50 19.97
N TYR C 201 -9.16 28.65 19.32
CA TYR C 201 -8.24 29.76 19.60
C TYR C 201 -8.13 30.62 18.35
N ALA C 202 -8.60 31.88 18.45
CA ALA C 202 -8.58 32.81 17.33
C ALA C 202 -7.42 33.81 17.43
N PHE C 203 -6.83 34.18 16.28
CA PHE C 203 -5.66 35.07 16.19
C PHE C 203 -5.82 36.08 15.04
N ILE C 204 -5.62 37.39 15.31
CA ILE C 204 -5.76 38.46 14.31
C ILE C 204 -4.69 39.56 14.40
N GLY C 205 -4.36 40.12 13.24
CA GLY C 205 -3.47 41.27 13.10
C GLY C 205 -4.26 42.56 13.26
N ASP C 206 -3.77 43.50 14.10
CA ASP C 206 -4.44 44.77 14.42
C ASP C 206 -4.72 45.67 13.21
N LYS C 207 -3.96 45.53 12.10
CA LYS C 207 -4.16 46.36 10.90
C LYS C 207 -4.58 45.56 9.64
N ASP C 208 -5.60 44.68 9.80
CA ASP C 208 -6.15 43.92 8.69
C ASP C 208 -7.66 44.11 8.58
N TRP C 209 -8.19 43.85 7.40
CA TRP C 209 -9.57 44.13 7.01
C TRP C 209 -10.25 43.04 6.20
N ILE C 210 -9.57 41.91 5.97
CA ILE C 210 -10.15 40.77 5.26
C ILE C 210 -10.95 40.01 6.34
N ALA C 211 -10.47 40.14 7.59
CA ALA C 211 -11.02 39.58 8.80
C ALA C 211 -10.66 40.55 9.94
N THR C 212 -11.60 40.76 10.87
CA THR C 212 -11.38 41.62 12.04
C THR C 212 -11.67 40.85 13.32
N GLN C 213 -11.36 41.46 14.49
CA GLN C 213 -11.63 40.86 15.80
C GLN C 213 -13.14 40.67 15.98
N ASP C 214 -13.95 41.59 15.43
CA ASP C 214 -15.41 41.57 15.47
C ASP C 214 -16.02 40.38 14.74
N ASP C 215 -15.60 40.09 13.49
CA ASP C 215 -16.16 38.95 12.74
C ASP C 215 -15.53 37.60 13.09
N MET C 216 -14.37 37.60 13.77
CA MET C 216 -13.74 36.38 14.24
C MET C 216 -14.30 35.97 15.60
N ASP C 217 -14.85 36.94 16.34
CA ASP C 217 -15.46 36.74 17.65
C ASP C 217 -16.61 35.69 17.66
N PRO C 218 -17.56 35.66 16.68
CA PRO C 218 -18.64 34.65 16.74
C PRO C 218 -18.24 33.19 16.49
N TRP C 219 -16.92 32.86 16.50
CA TRP C 219 -16.43 31.49 16.33
C TRP C 219 -16.84 30.64 17.58
N ARG C 220 -17.46 31.28 18.64
CA ARG C 220 -17.87 30.63 19.90
C ARG C 220 -19.02 29.80 19.66
N ASP C 221 -19.90 30.29 18.78
CA ASP C 221 -21.10 29.57 18.44
C ASP C 221 -20.78 28.14 18.07
N ARG C 222 -19.64 27.96 17.40
CA ARG C 222 -19.14 26.73 16.88
C ARG C 222 -18.56 25.82 17.94
N THR C 223 -17.97 26.29 19.01
CA THR C 223 -17.47 25.35 20.03
C THR C 223 -18.41 25.17 21.22
N THR C 224 -18.29 24.01 21.89
CA THR C 224 -19.06 23.76 23.11
C THR C 224 -18.13 24.05 24.30
N GLU C 225 -16.82 24.26 24.04
CA GLU C 225 -15.84 24.49 25.07
C GLU C 225 -15.34 25.95 25.11
N GLU C 226 -14.03 26.15 25.35
CA GLU C 226 -13.38 27.45 25.54
C GLU C 226 -13.21 28.25 24.26
N PHE C 227 -12.90 29.54 24.45
CA PHE C 227 -12.67 30.51 23.39
C PHE C 227 -11.51 31.46 23.70
N SER C 228 -10.71 31.82 22.72
CA SER C 228 -9.64 32.79 22.99
C SER C 228 -9.41 33.73 21.84
N ILE C 229 -8.92 34.94 22.16
CA ILE C 229 -8.58 36.01 21.21
C ILE C 229 -7.36 36.75 21.77
N ARG C 230 -6.40 37.03 20.91
CA ARG C 230 -5.23 37.85 21.22
C ARG C 230 -4.81 38.49 19.92
N VAL C 231 -4.83 39.82 19.90
CA VAL C 231 -4.49 40.67 18.74
C VAL C 231 -2.99 40.92 18.67
N PHE C 232 -2.45 40.84 17.45
CA PHE C 232 -1.04 40.97 17.16
C PHE C 232 -0.81 42.09 16.20
N PRO C 233 0.36 42.75 16.30
CA PRO C 233 0.66 43.85 15.36
C PRO C 233 0.81 43.34 13.93
N GLY C 234 0.28 44.10 12.98
CA GLY C 234 0.38 43.73 11.57
C GLY C 234 -0.94 43.44 10.93
N ASP C 235 -0.90 43.24 9.64
CA ASP C 235 -2.01 42.99 8.76
C ASP C 235 -2.34 41.51 8.70
N HIS C 236 -2.89 41.12 7.53
CA HIS C 236 -3.33 39.77 7.24
C HIS C 236 -2.21 38.77 7.29
N PHE C 237 -1.03 39.18 6.81
CA PHE C 237 0.16 38.35 6.83
C PHE C 237 1.10 38.77 7.97
N TYR C 238 0.61 38.66 9.23
CA TYR C 238 1.35 38.99 10.45
C TYR C 238 2.21 37.83 11.01
N LEU C 239 2.02 36.59 10.50
CA LEU C 239 2.74 35.39 10.96
C LEU C 239 4.24 35.64 10.92
N ASN C 240 4.75 35.88 9.70
CA ASN C 240 6.13 36.25 9.36
C ASN C 240 6.65 37.40 10.22
N ASP C 241 5.76 38.35 10.57
CA ASP C 241 6.05 39.49 11.44
C ASP C 241 6.32 39.07 12.89
N ASN C 242 5.53 38.14 13.44
CA ASN C 242 5.80 37.66 14.79
C ASN C 242 5.55 36.15 14.90
N LEU C 243 6.49 35.36 14.34
CA LEU C 243 6.45 33.90 14.34
C LEU C 243 6.77 33.27 15.71
N PRO C 244 7.92 33.55 16.39
CA PRO C 244 8.21 32.87 17.67
C PRO C 244 7.23 33.13 18.80
N GLU C 245 6.66 34.35 18.89
CA GLU C 245 5.68 34.68 19.92
C GLU C 245 4.38 33.91 19.61
N LEU C 246 3.95 33.91 18.32
CA LEU C 246 2.76 33.20 17.82
C LEU C 246 2.86 31.67 17.94
N VAL C 247 4.02 31.08 17.58
CA VAL C 247 4.21 29.62 17.65
C VAL C 247 4.26 29.13 19.10
N SER C 248 4.76 29.94 20.05
CA SER C 248 4.82 29.57 21.47
C SER C 248 3.40 29.47 22.03
N ASP C 249 2.48 30.37 21.59
CA ASP C 249 1.07 30.41 21.98
C ASP C 249 0.42 29.06 21.67
N ILE C 250 0.42 28.69 20.37
CA ILE C 250 -0.17 27.47 19.83
C ILE C 250 0.50 26.20 20.39
N GLU C 251 1.84 26.20 20.46
CA GLU C 251 2.64 25.09 20.99
C GLU C 251 2.19 24.74 22.40
N ASP C 252 2.27 25.72 23.32
CA ASP C 252 1.91 25.56 24.73
C ASP C 252 0.53 25.00 25.00
N LYS C 253 -0.46 25.24 24.11
CA LYS C 253 -1.85 24.80 24.30
C LYS C 253 -2.14 23.36 23.87
N THR C 254 -1.84 23.01 22.61
CA THR C 254 -2.16 21.67 22.10
C THR C 254 -1.31 20.58 22.78
N LEU C 255 -0.05 20.90 23.16
CA LEU C 255 0.84 19.98 23.89
C LEU C 255 0.35 19.80 25.33
N GLN C 256 -0.42 20.78 25.81
CA GLN C 256 -0.96 20.90 27.14
C GLN C 256 -2.27 20.12 27.35
N TRP C 257 -3.20 20.21 26.38
CA TRP C 257 -4.52 19.56 26.41
C TRP C 257 -4.51 18.05 26.16
N HIS C 258 -3.48 17.54 25.45
CA HIS C 258 -3.23 16.15 25.05
C HIS C 258 -4.04 15.10 25.82
N ALA D 27 -19.25 -25.62 13.04
CA ALA D 27 -19.05 -25.01 11.72
C ALA D 27 -19.16 -23.49 11.77
N ALA D 28 -18.30 -22.81 10.99
CA ALA D 28 -18.21 -21.35 10.87
C ALA D 28 -19.38 -20.76 10.03
N PRO D 29 -19.74 -19.46 10.19
CA PRO D 29 -20.87 -18.92 9.42
C PRO D 29 -20.56 -18.39 8.01
N THR D 30 -21.39 -18.76 7.03
CA THR D 30 -21.31 -18.31 5.63
C THR D 30 -22.06 -16.98 5.47
N LEU D 31 -21.33 -15.90 5.19
CA LEU D 31 -21.88 -14.56 4.99
C LEU D 31 -21.94 -14.28 3.48
N TYR D 32 -23.15 -14.35 2.91
CA TYR D 32 -23.39 -14.12 1.48
C TYR D 32 -23.45 -12.63 1.18
N ILE D 33 -22.55 -12.16 0.30
CA ILE D 33 -22.47 -10.75 -0.11
C ILE D 33 -23.17 -10.58 -1.43
N PHE D 34 -24.15 -9.67 -1.48
CA PHE D 34 -24.95 -9.37 -2.65
C PHE D 34 -24.58 -7.98 -3.20
N PRO D 35 -24.01 -7.90 -4.43
CA PRO D 35 -23.61 -6.58 -4.98
C PRO D 35 -24.77 -5.67 -5.37
N HIS D 36 -24.46 -4.44 -5.79
CA HIS D 36 -25.45 -3.48 -6.26
C HIS D 36 -25.79 -3.80 -7.74
N ALA D 37 -26.66 -2.97 -8.39
CA ALA D 37 -27.02 -3.12 -9.79
C ALA D 37 -25.80 -2.77 -10.64
N GLY D 38 -25.33 -3.73 -11.40
CA GLY D 38 -24.15 -3.56 -12.25
C GLY D 38 -22.85 -3.92 -11.56
N GLY D 39 -22.92 -4.20 -10.26
CA GLY D 39 -21.78 -4.56 -9.44
C GLY D 39 -21.34 -6.00 -9.59
N THR D 40 -20.02 -6.19 -9.62
CA THR D 40 -19.39 -7.52 -9.72
C THR D 40 -18.87 -7.96 -8.34
N ALA D 41 -18.48 -9.23 -8.21
CA ALA D 41 -17.92 -9.79 -6.98
C ALA D 41 -16.47 -9.29 -6.78
N LYS D 42 -15.88 -8.68 -7.83
CA LYS D 42 -14.55 -8.09 -7.83
C LYS D 42 -14.56 -6.70 -7.18
N ASP D 43 -15.75 -6.07 -7.11
CA ASP D 43 -15.96 -4.77 -6.46
C ASP D 43 -15.87 -4.92 -4.94
N TYR D 44 -16.29 -6.09 -4.42
CA TYR D 44 -16.35 -6.41 -3.00
C TYR D 44 -15.15 -7.22 -2.51
N VAL D 45 -14.05 -7.28 -3.32
CA VAL D 45 -12.81 -7.98 -2.94
C VAL D 45 -12.15 -7.23 -1.77
N ALA D 46 -12.16 -5.87 -1.82
CA ALA D 46 -11.61 -4.99 -0.79
C ALA D 46 -12.49 -5.02 0.45
N PHE D 47 -13.81 -5.18 0.24
CA PHE D 47 -14.81 -5.30 1.30
C PHE D 47 -14.57 -6.60 2.06
N SER D 48 -14.49 -7.74 1.35
CA SER D 48 -14.27 -9.07 1.94
C SER D 48 -12.88 -9.25 2.56
N ARG D 49 -11.83 -8.69 1.93
CA ARG D 49 -10.44 -8.78 2.40
C ARG D 49 -10.21 -8.22 3.80
N GLU D 50 -10.87 -7.09 4.13
CA GLU D 50 -10.71 -6.41 5.41
C GLU D 50 -11.31 -7.19 6.60
N PHE D 51 -12.20 -8.20 6.34
CA PHE D 51 -12.81 -9.04 7.39
C PHE D 51 -11.72 -9.78 8.17
N SER D 52 -11.07 -10.78 7.54
CA SER D 52 -9.97 -11.60 8.08
C SER D 52 -10.23 -12.17 9.50
N ALA D 53 -11.41 -12.80 9.69
CA ALA D 53 -11.79 -13.48 10.94
C ALA D 53 -12.37 -14.83 10.59
N ASP D 54 -12.87 -15.59 11.59
CA ASP D 54 -13.45 -16.90 11.31
C ASP D 54 -14.91 -16.80 10.84
N VAL D 55 -15.07 -16.21 9.64
CA VAL D 55 -16.34 -16.00 8.94
C VAL D 55 -16.15 -16.32 7.45
N LYS D 56 -16.93 -17.30 6.94
CA LYS D 56 -16.86 -17.71 5.52
C LYS D 56 -17.53 -16.64 4.67
N ARG D 57 -16.83 -16.11 3.66
CA ARG D 57 -17.36 -15.05 2.80
C ARG D 57 -17.53 -15.49 1.36
N ILE D 58 -18.79 -15.65 0.94
CA ILE D 58 -19.14 -16.07 -0.42
C ILE D 58 -19.78 -14.90 -1.16
N ALA D 59 -19.10 -14.41 -2.21
CA ALA D 59 -19.59 -13.30 -3.03
C ALA D 59 -20.50 -13.83 -4.13
N VAL D 60 -21.77 -13.40 -4.10
CA VAL D 60 -22.80 -13.82 -5.06
C VAL D 60 -22.64 -13.04 -6.36
N GLN D 61 -22.58 -13.76 -7.49
CA GLN D 61 -22.50 -13.16 -8.81
C GLN D 61 -23.84 -13.42 -9.51
N TYR D 62 -24.47 -12.35 -9.98
CA TYR D 62 -25.76 -12.44 -10.64
C TYR D 62 -25.65 -13.00 -12.05
N PRO D 63 -26.45 -14.03 -12.36
CA PRO D 63 -26.46 -14.54 -13.73
C PRO D 63 -27.46 -13.71 -14.55
N GLY D 64 -27.27 -13.76 -15.86
CA GLY D 64 -28.22 -13.14 -16.79
C GLY D 64 -29.12 -14.25 -17.27
N GLN D 65 -30.42 -13.97 -17.46
CA GLN D 65 -31.33 -14.98 -18.00
C GLN D 65 -31.63 -14.69 -19.46
N HIS D 66 -30.60 -14.24 -20.18
CA HIS D 66 -30.68 -13.97 -21.60
C HIS D 66 -30.34 -15.23 -22.40
N PRO D 73 -38.02 -12.14 -19.41
CA PRO D 73 -36.57 -12.33 -19.32
C PRO D 73 -36.20 -12.94 -17.97
N LEU D 74 -35.40 -12.19 -17.19
CA LEU D 74 -34.95 -12.53 -15.84
C LEU D 74 -35.45 -11.50 -14.83
N GLU D 75 -36.44 -10.66 -15.22
CA GLU D 75 -36.69 -9.44 -14.50
C GLU D 75 -37.46 -9.46 -13.14
N SER D 76 -38.42 -10.27 -12.83
CA SER D 76 -39.01 -10.06 -11.48
C SER D 76 -37.97 -10.28 -10.34
N ILE D 77 -37.88 -9.36 -9.33
CA ILE D 77 -36.95 -9.45 -8.20
C ILE D 77 -37.05 -10.86 -7.54
N PRO D 78 -38.28 -11.31 -7.11
CA PRO D 78 -38.44 -12.68 -6.60
C PRO D 78 -37.96 -13.76 -7.57
N THR D 79 -38.25 -13.62 -8.88
CA THR D 79 -37.82 -14.60 -9.90
C THR D 79 -36.31 -14.61 -10.04
N LEU D 80 -35.68 -13.42 -9.96
CA LEU D 80 -34.23 -13.32 -10.01
C LEU D 80 -33.67 -13.95 -8.73
N ALA D 81 -34.31 -13.67 -7.59
CA ALA D 81 -33.91 -14.20 -6.29
C ALA D 81 -34.02 -15.71 -6.30
N ASP D 82 -35.06 -16.26 -6.97
CA ASP D 82 -35.29 -17.70 -7.11
C ASP D 82 -34.13 -18.42 -7.74
N GLU D 83 -33.48 -17.77 -8.71
CA GLU D 83 -32.33 -18.28 -9.41
C GLU D 83 -31.14 -18.34 -8.48
N ILE D 84 -30.87 -17.24 -7.72
CA ILE D 84 -29.76 -17.15 -6.75
C ILE D 84 -29.87 -18.28 -5.73
N PHE D 85 -31.09 -18.50 -5.20
CA PHE D 85 -31.37 -19.56 -4.24
C PHE D 85 -31.06 -20.95 -4.79
N ALA D 86 -31.46 -21.23 -6.04
CA ALA D 86 -31.21 -22.50 -6.72
C ALA D 86 -29.72 -22.77 -6.91
N MET D 87 -28.94 -21.68 -7.10
CA MET D 87 -27.50 -21.69 -7.32
C MET D 87 -26.69 -21.86 -6.04
N MET D 88 -27.10 -21.22 -4.93
CA MET D 88 -26.29 -21.29 -3.73
C MET D 88 -26.89 -22.15 -2.61
N LYS D 89 -28.08 -22.79 -2.85
CA LYS D 89 -28.60 -23.79 -1.92
C LYS D 89 -27.51 -24.88 -1.69
N PRO D 90 -26.83 -25.46 -2.74
CA PRO D 90 -25.78 -26.46 -2.47
C PRO D 90 -24.51 -25.95 -1.77
N SER D 91 -24.23 -24.63 -1.82
CA SER D 91 -23.04 -24.02 -1.21
C SER D 91 -22.95 -24.22 0.30
N ALA D 92 -24.09 -24.29 0.99
CA ALA D 92 -24.14 -24.52 2.44
C ALA D 92 -25.22 -25.56 2.75
N ARG D 93 -24.90 -26.58 3.55
CA ARG D 93 -25.89 -27.62 3.90
C ARG D 93 -26.94 -27.07 4.90
N ILE D 94 -28.06 -27.80 5.06
CA ILE D 94 -29.20 -27.45 5.93
C ILE D 94 -28.88 -27.44 7.45
N ASP D 95 -27.61 -27.25 7.84
CA ASP D 95 -27.15 -27.19 9.23
C ASP D 95 -26.16 -26.05 9.45
N ASP D 96 -25.45 -25.63 8.39
CA ASP D 96 -24.44 -24.58 8.44
C ASP D 96 -25.00 -23.18 8.73
N PRO D 97 -24.33 -22.42 9.62
CA PRO D 97 -24.80 -21.06 9.91
C PRO D 97 -24.64 -20.13 8.71
N VAL D 98 -25.72 -19.41 8.33
CA VAL D 98 -25.72 -18.50 7.19
C VAL D 98 -26.19 -17.09 7.61
N ALA D 99 -25.56 -16.06 7.06
CA ALA D 99 -25.92 -14.65 7.29
C ALA D 99 -25.90 -13.94 5.94
N PHE D 100 -26.68 -12.85 5.79
CA PHE D 100 -26.77 -12.17 4.50
C PHE D 100 -26.49 -10.67 4.54
N PHE D 101 -25.68 -10.20 3.58
CA PHE D 101 -25.36 -8.78 3.37
C PHE D 101 -25.72 -8.38 1.95
N GLY D 102 -26.33 -7.21 1.83
CA GLY D 102 -26.70 -6.66 0.54
C GLY D 102 -26.60 -5.16 0.45
N HIS D 103 -25.90 -4.67 -0.59
CA HIS D 103 -25.77 -3.24 -0.86
C HIS D 103 -26.64 -2.87 -2.07
N SER D 104 -27.48 -1.81 -1.92
CA SER D 104 -28.42 -1.28 -2.93
C SER D 104 -29.41 -2.36 -3.40
N MET D 105 -29.45 -2.71 -4.71
CA MET D 105 -30.36 -3.76 -5.24
C MET D 105 -30.14 -5.09 -4.52
N GLY D 106 -28.88 -5.36 -4.15
CA GLY D 106 -28.45 -6.55 -3.43
C GLY D 106 -29.11 -6.73 -2.08
N GLY D 107 -29.57 -5.64 -1.47
CA GLY D 107 -30.27 -5.66 -0.19
C GLY D 107 -31.59 -6.42 -0.28
N MET D 108 -32.40 -6.09 -1.32
CA MET D 108 -33.70 -6.71 -1.59
C MET D 108 -33.54 -8.16 -2.02
N LEU D 109 -32.45 -8.44 -2.76
CA LEU D 109 -32.15 -9.77 -3.26
C LEU D 109 -31.65 -10.65 -2.14
N ALA D 110 -30.83 -10.07 -1.22
CA ALA D 110 -30.36 -10.78 -0.03
C ALA D 110 -31.53 -11.05 0.90
N PHE D 111 -32.51 -10.12 0.99
CA PHE D 111 -33.72 -10.23 1.81
C PHE D 111 -34.59 -11.37 1.31
N GLU D 112 -34.86 -11.38 0.01
CA GLU D 112 -35.68 -12.38 -0.67
C GLU D 112 -35.03 -13.78 -0.64
N VAL D 113 -33.70 -13.87 -0.82
CA VAL D 113 -32.94 -15.14 -0.76
C VAL D 113 -32.90 -15.63 0.70
N ALA D 114 -32.72 -14.71 1.67
CA ALA D 114 -32.72 -15.00 3.12
C ALA D 114 -34.05 -15.60 3.56
N LEU D 115 -35.16 -15.18 2.92
CA LEU D 115 -36.51 -15.68 3.18
C LEU D 115 -36.62 -17.13 2.71
N ARG D 116 -36.07 -17.45 1.50
CA ARG D 116 -36.07 -18.79 0.91
C ARG D 116 -35.22 -19.78 1.72
N TYR D 117 -34.11 -19.28 2.32
CA TYR D 117 -33.22 -20.04 3.19
C TYR D 117 -33.94 -20.38 4.49
N GLN D 118 -34.67 -19.40 5.06
CA GLN D 118 -35.47 -19.52 6.29
C GLN D 118 -36.73 -20.37 6.07
N SER D 119 -37.23 -20.46 4.82
CA SER D 119 -38.41 -21.26 4.47
C SER D 119 -38.05 -22.71 4.14
N ALA D 120 -36.86 -23.23 4.51
CA ALA D 120 -36.47 -24.62 4.25
C ALA D 120 -35.69 -25.25 5.42
N GLY D 121 -35.55 -24.50 6.52
CA GLY D 121 -34.89 -24.98 7.73
C GLY D 121 -33.53 -24.40 8.08
N HIS D 122 -33.00 -23.48 7.26
CA HIS D 122 -31.71 -22.85 7.58
C HIS D 122 -31.91 -21.82 8.68
N ARG D 123 -30.96 -21.75 9.63
CA ARG D 123 -31.03 -20.81 10.76
C ARG D 123 -30.22 -19.57 10.41
N VAL D 124 -30.91 -18.55 9.86
CA VAL D 124 -30.27 -17.31 9.43
C VAL D 124 -29.87 -16.48 10.66
N LEU D 125 -28.58 -16.11 10.73
CA LEU D 125 -27.99 -15.36 11.84
C LEU D 125 -28.53 -13.94 11.85
N ALA D 126 -28.29 -13.17 10.77
CA ALA D 126 -28.74 -11.80 10.61
C ALA D 126 -28.85 -11.39 9.15
N PHE D 127 -29.42 -10.21 8.96
CA PHE D 127 -29.65 -9.61 7.66
C PHE D 127 -29.19 -8.16 7.68
N PHE D 128 -28.28 -7.81 6.79
CA PHE D 128 -27.70 -6.47 6.78
C PHE D 128 -27.95 -5.74 5.47
N VAL D 129 -28.53 -4.54 5.57
CA VAL D 129 -28.85 -3.73 4.40
C VAL D 129 -28.01 -2.47 4.34
N SER D 130 -27.52 -2.15 3.15
CA SER D 130 -26.73 -0.96 2.90
C SER D 130 -27.32 -0.20 1.69
N ALA D 131 -27.56 1.12 1.85
CA ALA D 131 -28.11 2.00 0.80
C ALA D 131 -29.24 1.37 -0.04
N CYS D 132 -30.21 0.76 0.65
CA CYS D 132 -31.36 0.10 0.08
C CYS D 132 -32.60 0.39 0.88
N SER D 133 -33.55 1.08 0.26
CA SER D 133 -34.83 1.43 0.85
C SER D 133 -35.65 0.15 1.20
N ALA D 134 -36.50 0.25 2.23
CA ALA D 134 -37.37 -0.85 2.68
C ALA D 134 -38.38 -1.20 1.59
N PRO D 135 -38.87 -2.48 1.48
CA PRO D 135 -39.87 -2.82 0.47
C PRO D 135 -41.09 -1.89 0.51
N GLY D 136 -41.40 -1.32 -0.64
CA GLY D 136 -42.50 -0.37 -0.83
C GLY D 136 -42.19 1.06 -0.42
N HIS D 137 -40.91 1.39 -0.19
CA HIS D 137 -40.48 2.74 0.20
C HIS D 137 -39.44 3.32 -0.78
N ILE D 138 -39.40 2.82 -2.02
CA ILE D 138 -38.48 3.29 -3.07
C ILE D 138 -38.81 4.71 -3.53
N ARG D 139 -40.15 5.04 -3.58
CA ARG D 139 -40.80 6.31 -3.95
C ARG D 139 -41.04 6.45 -5.50
N TYR D 140 -40.60 5.51 -6.33
CA TYR D 140 -40.84 5.63 -7.77
C TYR D 140 -41.29 4.32 -8.32
N LYS D 141 -42.43 3.81 -7.86
CA LYS D 141 -42.94 2.54 -8.31
C LYS D 141 -43.46 2.59 -9.76
N GLN D 142 -42.56 2.86 -10.76
CA GLN D 142 -42.90 2.85 -12.19
C GLN D 142 -42.91 1.40 -12.68
N LEU D 143 -43.71 0.58 -11.96
CA LEU D 143 -43.94 -0.85 -12.18
C LEU D 143 -44.67 -1.10 -13.49
N GLN D 144 -45.42 -0.08 -13.97
CA GLN D 144 -46.20 -0.09 -15.20
C GLN D 144 -45.36 -0.36 -16.46
N ASP D 145 -44.08 0.08 -16.45
CA ASP D 145 -43.18 -0.11 -17.59
C ASP D 145 -42.10 -1.17 -17.38
N LEU D 146 -41.93 -2.02 -18.39
CA LEU D 146 -40.95 -3.09 -18.49
C LEU D 146 -40.50 -3.19 -19.96
N SER D 147 -41.28 -2.54 -20.85
CA SER D 147 -41.09 -2.45 -22.31
C SER D 147 -40.44 -1.09 -22.71
N ASP D 148 -39.78 -0.43 -21.75
CA ASP D 148 -39.10 0.85 -21.96
C ASP D 148 -40.00 1.91 -22.64
N ARG D 149 -41.10 2.27 -21.98
CA ARG D 149 -41.97 3.36 -22.42
C ARG D 149 -41.50 4.53 -21.56
N GLU D 150 -40.50 4.25 -20.70
CA GLU D 150 -39.81 5.11 -19.77
C GLU D 150 -38.93 6.06 -20.53
N MET D 151 -38.27 5.61 -21.64
CA MET D 151 -37.40 6.46 -22.44
C MET D 151 -38.05 7.75 -22.91
N LEU D 152 -39.29 7.67 -23.43
CA LEU D 152 -40.01 8.86 -23.85
C LEU D 152 -40.21 9.81 -22.65
N ASP D 153 -40.56 9.25 -21.50
CA ASP D 153 -40.90 10.03 -20.33
C ASP D 153 -39.67 10.57 -19.62
N LEU D 154 -38.57 9.81 -19.56
CA LEU D 154 -37.41 10.25 -18.79
C LEU D 154 -36.06 10.18 -19.53
N PHE D 155 -35.84 9.30 -20.52
CA PHE D 155 -34.53 9.27 -21.21
C PHE D 155 -34.21 10.59 -21.92
N THR D 156 -35.23 11.21 -22.50
CA THR D 156 -35.15 12.48 -23.23
C THR D 156 -34.57 13.57 -22.34
N ARG D 157 -35.05 13.67 -21.05
CA ARG D 157 -34.70 14.70 -20.09
C ARG D 157 -34.90 16.06 -20.79
N MET D 158 -36.13 16.28 -21.33
CA MET D 158 -36.63 17.45 -22.07
C MET D 158 -36.04 17.51 -23.50
N THR D 159 -35.25 18.55 -23.84
CA THR D 159 -34.66 18.77 -25.18
C THR D 159 -35.76 18.80 -26.27
N GLY D 160 -36.92 19.37 -25.98
CA GLY D 160 -37.99 19.43 -26.96
C GLY D 160 -37.52 20.10 -28.23
N MET D 161 -36.76 21.22 -28.08
CA MET D 161 -36.20 22.00 -29.17
C MET D 161 -35.19 21.20 -30.00
N ASN D 162 -34.27 20.46 -29.33
CA ASN D 162 -33.26 19.66 -29.99
C ASN D 162 -33.44 18.17 -29.73
N PRO D 163 -34.14 17.52 -30.68
CA PRO D 163 -34.37 16.07 -30.52
C PRO D 163 -33.25 15.21 -31.09
N ASP D 164 -32.20 15.87 -31.63
CA ASP D 164 -31.04 15.25 -32.26
C ASP D 164 -30.41 14.30 -31.32
N PHE D 165 -30.24 14.62 -30.03
CA PHE D 165 -29.68 13.72 -29.03
C PHE D 165 -30.64 12.59 -28.80
N PHE D 166 -31.95 12.80 -28.81
CA PHE D 166 -32.92 11.71 -28.65
C PHE D 166 -32.80 10.74 -29.84
N THR D 167 -32.76 11.29 -31.07
CA THR D 167 -32.63 10.52 -32.31
C THR D 167 -31.21 9.96 -32.43
N ASP D 168 -30.18 10.79 -32.20
CA ASP D 168 -28.76 10.47 -32.25
C ASP D 168 -28.37 9.54 -31.14
N ASP D 169 -28.91 9.73 -29.91
CA ASP D 169 -28.65 8.87 -28.74
C ASP D 169 -29.22 7.51 -29.02
N GLU D 170 -30.48 7.42 -29.51
CA GLU D 170 -31.14 6.17 -29.87
C GLU D 170 -30.42 5.45 -31.03
N PHE D 171 -29.94 6.23 -32.03
CA PHE D 171 -29.20 5.70 -33.18
C PHE D 171 -27.83 5.18 -32.76
N PHE D 172 -27.12 5.93 -31.88
CA PHE D 172 -25.81 5.55 -31.35
C PHE D 172 -25.93 4.32 -30.44
N VAL D 173 -27.00 4.27 -29.61
CA VAL D 173 -27.30 3.16 -28.70
C VAL D 173 -27.67 1.91 -29.51
N GLY D 174 -28.50 2.09 -30.54
CA GLY D 174 -28.96 1.03 -31.43
C GLY D 174 -27.86 0.46 -32.31
N LEU D 176 -29.77 0.22 -21.05
CA LEU D 176 -30.75 -0.84 -20.84
C LEU D 176 -30.44 -1.77 -19.64
N PRO D 177 -29.17 -2.15 -19.30
CA PRO D 177 -28.97 -3.01 -18.11
C PRO D 177 -29.25 -2.30 -16.78
N THR D 178 -29.45 -0.97 -16.84
CA THR D 178 -29.78 -0.09 -15.72
C THR D 178 -31.30 0.18 -15.67
N LEU D 179 -31.94 0.34 -16.86
CA LEU D 179 -33.36 0.62 -17.00
C LEU D 179 -34.24 -0.54 -16.60
N ARG D 180 -33.87 -1.78 -17.01
CA ARG D 180 -34.60 -3.00 -16.66
C ARG D 180 -34.49 -3.27 -15.17
N ALA D 181 -33.36 -2.85 -14.56
CA ALA D 181 -33.09 -2.98 -13.13
C ALA D 181 -33.97 -2.04 -12.31
N VAL D 182 -34.30 -0.83 -12.85
CA VAL D 182 -35.15 0.15 -12.13
C VAL D 182 -36.61 -0.31 -12.10
N ARG D 183 -37.09 -0.99 -13.17
CA ARG D 183 -38.46 -1.51 -13.26
C ARG D 183 -38.68 -2.59 -12.20
N ALA D 184 -37.61 -3.40 -11.95
CA ALA D 184 -37.60 -4.49 -10.98
C ALA D 184 -37.68 -3.97 -9.54
N ILE D 185 -36.79 -3.03 -9.15
CA ILE D 185 -36.76 -2.45 -7.81
C ILE D 185 -37.99 -1.56 -7.54
N ALA D 186 -38.49 -0.85 -8.56
CA ALA D 186 -39.68 -0.01 -8.48
C ALA D 186 -40.93 -0.86 -8.36
N GLY D 187 -40.98 -1.96 -9.12
CA GLY D 187 -42.10 -2.89 -9.14
C GLY D 187 -42.11 -3.91 -8.01
N TYR D 188 -41.02 -3.97 -7.21
CA TYR D 188 -40.91 -4.90 -6.09
C TYR D 188 -41.76 -4.46 -4.91
N SER D 189 -42.54 -5.41 -4.38
CA SER D 189 -43.42 -5.20 -3.24
C SER D 189 -43.40 -6.45 -2.40
N CYS D 190 -43.25 -6.28 -1.08
CA CYS D 190 -43.27 -7.43 -0.17
C CYS D 190 -44.44 -7.28 0.81
N PRO D 191 -45.32 -8.30 0.94
CA PRO D 191 -46.45 -8.21 1.88
C PRO D 191 -46.03 -7.89 3.32
N PRO D 192 -46.81 -7.09 4.09
CA PRO D 192 -46.36 -6.70 5.45
C PRO D 192 -46.05 -7.83 6.43
N GLU D 193 -46.80 -8.95 6.34
CA GLU D 193 -46.65 -10.11 7.21
C GLU D 193 -45.39 -10.94 6.92
N THR D 194 -44.89 -10.96 5.66
CA THR D 194 -43.69 -11.70 5.26
C THR D 194 -42.47 -11.02 5.89
N LYS D 195 -41.96 -11.67 6.95
CA LYS D 195 -40.93 -11.18 7.84
C LYS D 195 -39.78 -12.16 8.08
N LEU D 196 -38.59 -11.63 8.47
CA LEU D 196 -37.42 -12.43 8.84
C LEU D 196 -37.41 -12.66 10.35
N SER D 197 -36.82 -13.79 10.79
CA SER D 197 -36.71 -14.16 12.20
C SER D 197 -35.32 -13.84 12.75
N CYS D 198 -34.61 -12.91 12.09
CA CYS D 198 -33.26 -12.50 12.46
C CYS D 198 -33.13 -10.97 12.52
N PRO D 199 -32.16 -10.42 13.29
CA PRO D 199 -32.01 -8.97 13.33
C PRO D 199 -31.53 -8.34 12.02
N ILE D 200 -32.11 -7.19 11.64
CA ILE D 200 -31.75 -6.43 10.45
C ILE D 200 -30.88 -5.23 10.80
N TYR D 201 -29.77 -5.04 10.08
CA TYR D 201 -28.84 -3.93 10.36
C TYR D 201 -28.66 -3.04 9.15
N ALA D 202 -29.22 -1.83 9.24
CA ALA D 202 -29.17 -0.87 8.15
C ALA D 202 -28.02 0.12 8.22
N PHE D 203 -27.41 0.41 7.05
CA PHE D 203 -26.28 1.33 6.91
C PHE D 203 -26.49 2.28 5.73
N ILE D 204 -26.22 3.58 5.90
CA ILE D 204 -26.41 4.57 4.82
C ILE D 204 -25.29 5.62 4.80
N GLY D 205 -25.20 6.33 3.68
CA GLY D 205 -24.33 7.47 3.51
C GLY D 205 -25.18 8.71 3.65
N ASP D 206 -24.76 9.70 4.46
CA ASP D 206 -25.50 10.94 4.74
C ASP D 206 -25.80 11.78 3.50
N LYS D 207 -24.96 11.68 2.46
CA LYS D 207 -25.12 12.41 1.20
C LYS D 207 -25.63 11.51 0.07
N ASP D 208 -26.47 10.50 0.42
CA ASP D 208 -27.11 9.60 -0.53
C ASP D 208 -28.56 10.00 -0.72
N TRP D 209 -29.01 9.95 -1.97
CA TRP D 209 -30.36 10.32 -2.40
C TRP D 209 -31.09 9.23 -3.17
N ILE D 210 -30.43 8.08 -3.42
CA ILE D 210 -31.04 6.92 -4.08
C ILE D 210 -31.77 6.18 -2.95
N ALA D 211 -31.22 6.31 -1.74
CA ALA D 211 -31.73 5.77 -0.49
C ALA D 211 -31.36 6.77 0.62
N THR D 212 -32.31 7.02 1.54
CA THR D 212 -32.16 7.91 2.69
C THR D 212 -32.47 7.15 3.98
N GLN D 213 -32.22 7.79 5.13
CA GLN D 213 -32.44 7.24 6.47
C GLN D 213 -33.92 6.99 6.74
N ASP D 214 -34.77 7.88 6.19
CA ASP D 214 -36.23 7.80 6.25
C ASP D 214 -36.75 6.62 5.44
N ASP D 215 -36.18 6.39 4.23
CA ASP D 215 -36.52 5.31 3.30
C ASP D 215 -36.11 3.93 3.80
N MET D 216 -35.01 3.86 4.58
CA MET D 216 -34.41 2.63 5.09
C MET D 216 -34.98 2.24 6.46
N ASP D 217 -35.54 3.23 7.16
CA ASP D 217 -36.17 3.05 8.48
C ASP D 217 -37.30 1.99 8.49
N PRO D 218 -38.24 1.92 7.52
CA PRO D 218 -39.33 0.91 7.60
C PRO D 218 -38.89 -0.55 7.44
N TRP D 219 -37.56 -0.85 7.44
CA TRP D 219 -37.00 -2.22 7.37
C TRP D 219 -37.31 -2.98 8.68
N ARG D 220 -37.74 -2.23 9.74
CA ARG D 220 -38.16 -2.72 11.07
C ARG D 220 -39.32 -3.66 10.90
N ASP D 221 -40.16 -3.33 9.92
CA ASP D 221 -41.38 -4.04 9.59
C ASP D 221 -41.09 -5.28 8.74
N ARG D 222 -39.80 -5.66 8.66
CA ARG D 222 -39.32 -6.82 7.91
C ARG D 222 -38.57 -7.82 8.80
N THR D 223 -38.37 -7.49 10.12
CA THR D 223 -37.71 -8.32 11.14
C THR D 223 -38.56 -8.51 12.41
N THR D 224 -38.74 -9.79 12.85
CA THR D 224 -39.47 -10.11 14.08
C THR D 224 -38.59 -9.64 15.26
N GLU D 225 -37.29 -9.93 15.17
CA GLU D 225 -36.30 -9.55 16.18
C GLU D 225 -35.75 -8.14 15.95
N GLU D 226 -34.59 -7.87 16.54
CA GLU D 226 -33.83 -6.62 16.57
C GLU D 226 -33.60 -5.91 15.20
N PHE D 227 -33.35 -4.58 15.24
CA PHE D 227 -33.14 -3.72 14.06
C PHE D 227 -32.40 -2.43 14.46
N SER D 228 -31.52 -1.89 13.58
CA SER D 228 -30.79 -0.64 13.83
C SER D 228 -30.25 0.04 12.57
N ILE D 229 -30.17 1.38 12.57
CA ILE D 229 -29.65 2.20 11.45
C ILE D 229 -28.48 3.05 11.93
N ARG D 230 -27.42 3.15 11.11
CA ARG D 230 -26.26 3.97 11.40
C ARG D 230 -25.74 4.62 10.13
N VAL D 231 -25.75 5.95 10.12
CA VAL D 231 -25.32 6.73 8.97
C VAL D 231 -23.83 6.99 9.01
N PHE D 232 -23.26 6.97 7.82
CA PHE D 232 -21.87 7.18 7.53
C PHE D 232 -21.70 8.38 6.63
N PRO D 233 -20.56 9.08 6.76
CA PRO D 233 -20.30 10.18 5.83
C PRO D 233 -20.04 9.62 4.43
N GLY D 234 -20.53 10.35 3.45
CA GLY D 234 -20.35 9.94 2.07
C GLY D 234 -21.64 9.61 1.38
N ASP D 235 -21.52 9.40 0.09
CA ASP D 235 -22.62 9.15 -0.83
C ASP D 235 -23.08 7.70 -0.83
N HIS D 236 -23.68 7.31 -1.96
CA HIS D 236 -24.17 5.97 -2.25
C HIS D 236 -23.06 4.95 -2.19
N PHE D 237 -21.87 5.32 -2.68
CA PHE D 237 -20.67 4.48 -2.63
C PHE D 237 -19.76 4.94 -1.50
N TYR D 238 -20.34 5.10 -0.30
CA TYR D 238 -19.67 5.49 0.94
C TYR D 238 -18.80 4.37 1.50
N LEU D 239 -19.12 3.10 1.14
CA LEU D 239 -18.43 1.89 1.58
C LEU D 239 -16.94 1.90 1.32
N ASN D 240 -16.54 2.37 0.13
CA ASN D 240 -15.14 2.44 -0.30
C ASN D 240 -14.33 3.46 0.50
N ASP D 241 -14.99 4.50 1.04
CA ASP D 241 -14.34 5.52 1.88
C ASP D 241 -14.21 5.03 3.33
N ASN D 242 -15.25 4.35 3.85
CA ASN D 242 -15.31 3.83 5.21
C ASN D 242 -15.32 2.30 5.23
N LEU D 243 -14.24 1.69 4.69
CA LEU D 243 -14.07 0.24 4.64
C LEU D 243 -13.79 -0.39 6.01
N PRO D 244 -12.68 -0.06 6.74
CA PRO D 244 -12.42 -0.72 8.04
C PRO D 244 -13.48 -0.52 9.12
N GLU D 245 -14.21 0.60 9.05
CA GLU D 245 -15.27 0.94 10.01
C GLU D 245 -16.45 -0.02 9.90
N LEU D 246 -17.12 -0.11 8.72
CA LEU D 246 -18.23 -1.05 8.55
C LEU D 246 -17.75 -2.49 8.67
N VAL D 247 -16.61 -2.81 8.06
CA VAL D 247 -16.03 -4.16 8.13
C VAL D 247 -16.03 -4.68 9.58
N SER D 248 -15.48 -3.89 10.53
CA SER D 248 -15.43 -4.20 11.96
C SER D 248 -16.84 -4.36 12.57
N ASP D 249 -17.78 -3.46 12.20
CA ASP D 249 -19.15 -3.46 12.68
C ASP D 249 -19.85 -4.75 12.23
N ILE D 250 -20.03 -4.94 10.91
CA ILE D 250 -20.66 -6.11 10.30
C ILE D 250 -20.02 -7.42 10.81
N GLU D 251 -18.69 -7.39 11.04
CA GLU D 251 -17.86 -8.47 11.56
C GLU D 251 -18.29 -8.85 12.96
N ASP D 252 -18.28 -7.86 13.86
CA ASP D 252 -18.63 -7.97 15.28
C ASP D 252 -20.01 -8.55 15.48
N LYS D 253 -20.99 -8.09 14.70
CA LYS D 253 -22.37 -8.53 14.83
C LYS D 253 -22.59 -9.92 14.25
N THR D 254 -21.92 -10.36 13.18
CA THR D 254 -22.18 -11.73 12.67
C THR D 254 -21.74 -12.84 13.64
N LEU D 255 -20.53 -12.70 14.23
CA LEU D 255 -19.96 -13.63 15.21
C LEU D 255 -20.66 -13.56 16.56
N GLN D 256 -21.23 -12.39 16.91
CA GLN D 256 -21.93 -12.06 18.15
C GLN D 256 -23.06 -13.07 18.55
N TRP D 257 -23.55 -13.87 17.59
CA TRP D 257 -24.60 -14.87 17.80
C TRP D 257 -24.07 -16.29 17.53
#